data_9JR5
#
_entry.id   9JR5
#
_cell.length_a   195.143
_cell.length_b   195.143
_cell.length_c   145.470
_cell.angle_alpha   90.00
_cell.angle_beta   90.00
_cell.angle_gamma   90.00
#
_symmetry.space_group_name_H-M   'I 41 2 2'
#
loop_
_entity.id
_entity.type
_entity.pdbx_description
1 polymer 'Spike glycoprotein'
2 polymer 'Angiotensin-converting enzyme'
3 branched 2-acetamido-2-deoxy-beta-D-glucopyranose-(1-4)-2-acetamido-2-deoxy-beta-D-glucopyranose
4 branched beta-D-mannopyranose-(1-4)-2-acetamido-2-deoxy-beta-D-glucopyranose-(1-4)-2-acetamido-2-deoxy-beta-D-glucopyranose
5 non-polymer 2-acetamido-2-deoxy-beta-D-glucopyranose
#
loop_
_entity_poly.entity_id
_entity_poly.type
_entity_poly.pdbx_seq_one_letter_code
_entity_poly.pdbx_strand_id
1 'polypeptide(L)'
;TNLCTFGEVFNATTFASVYAWNRKRISNCVADYSVLYNSTSFSTFKCYGVSPTKLNDLCFTNVYADSFVVRGDEVRQIAP
GQTGRIADYNYKLPDDFTGCVIAWNSNNLDSKVGGNYNYLYRLFRKSNLKPFERDISTEIYQAGSTPCNGVEGFNCYFPL
QSYGFHPTNGVGYQPYRVVVLSFEL
;
E
2 'polypeptide(L)'
;PSTIEELAKTFLDKFNQEAEDLDHQRSLAAWNYNTNITKENTEKMNEAEAKWSAFYEEQSKLAKDYPLQEIQNFTLKRQL
QALQQSGSSALSANKREQLNTILNTMSTIYSTGKVCNPKKPQECLLLEPGLDEIMANSTDYSERLWVWEGWRSEVGKQLR
PLYEEYVVLKNEMARANNYEDYGDYWRGDYEAEGADGYGYNRNQLIEDVERTFAEIKPLYEHLHAYVRAKLMNTYPSYIS
PTGCLPAHLLGDMWGRFWTNLYSLTVPFPEKPNIDVTDAMINQNWNAVRIFKEAEKFFVSVGLPNMTQGFWENSMLTEPT
DGRKVVCHPTAWDLQKGDFRIKMCTKVTMDNFLTAHHEMGHIQYDMAYAMQPYLLRNGANEGFHEAVGEIMSLSASTPKH
LKSIGLLPSDFREDNETEINFLLKQALTIVGTLPFTYMLEKWRWMVFKGEIPKDQWMKKWWEMKREIVGVMEPVPHDETY
CDPAALYHVSNDFSFIRYYTRTIYQFQFQEALCQAAKHEGPLHKCDISNSTEAGQKLLNMLRLGKSKPWTLALENVVGAR
NMDVRPLLNYFEPLFGWLKDQNRNSFVGWNTDWSPYTD
;
A
#
loop_
_chem_comp.id
_chem_comp.type
_chem_comp.name
_chem_comp.formula
BMA D-saccharide, beta linking beta-D-mannopyranose 'C6 H12 O6'
NAG D-saccharide, beta linking 2-acetamido-2-deoxy-beta-D-glucopyranose 'C8 H15 N O6'
#
# COMPACT_ATOMS: atom_id res chain seq x y z
N THR A 5 26.91 -23.30 -38.80
CA THR A 5 25.86 -24.12 -39.37
C THR A 5 24.56 -24.07 -38.54
N PHE A 6 24.65 -23.80 -37.25
CA PHE A 6 23.48 -23.67 -36.40
C PHE A 6 23.07 -22.22 -36.18
N GLY A 7 23.56 -21.29 -37.00
CA GLY A 7 23.13 -19.92 -36.85
C GLY A 7 21.62 -19.78 -36.96
N GLU A 8 20.98 -20.67 -37.71
CA GLU A 8 19.55 -20.56 -37.96
C GLU A 8 18.74 -20.73 -36.68
N VAL A 9 19.18 -21.59 -35.77
CA VAL A 9 18.41 -21.89 -34.56
C VAL A 9 18.31 -20.66 -33.67
N PHE A 10 19.44 -20.01 -33.41
CA PHE A 10 19.47 -18.88 -32.48
C PHE A 10 18.65 -17.72 -33.00
N ASN A 11 18.80 -17.38 -34.27
CA ASN A 11 18.15 -16.20 -34.81
C ASN A 11 16.76 -16.50 -35.33
N ALA A 12 16.20 -17.65 -34.97
CA ALA A 12 14.88 -18.04 -35.44
C ALA A 12 13.82 -17.07 -34.95
N THR A 13 12.80 -16.83 -35.79
CA THR A 13 11.83 -15.78 -35.50
C THR A 13 11.03 -16.08 -34.24
N THR A 14 10.68 -17.34 -33.98
CA THR A 14 9.84 -17.66 -32.85
C THR A 14 10.30 -18.95 -32.17
N PHE A 15 10.13 -19.00 -30.86
CA PHE A 15 10.67 -20.04 -30.00
C PHE A 15 9.55 -20.89 -29.42
N ALA A 16 9.86 -22.15 -29.19
CA ALA A 16 8.90 -23.04 -28.56
C ALA A 16 8.70 -22.61 -27.13
N SER A 17 7.47 -22.77 -26.64
CA SER A 17 7.29 -22.49 -25.25
C SER A 17 7.84 -23.64 -24.42
N VAL A 18 8.23 -23.34 -23.19
CA VAL A 18 9.09 -24.22 -22.40
C VAL A 18 8.58 -25.65 -22.29
N TYR A 19 7.27 -25.88 -22.21
CA TYR A 19 6.88 -27.26 -21.99
C TYR A 19 7.05 -28.09 -23.24
N ALA A 20 6.91 -27.49 -24.41
CA ALA A 20 7.26 -28.11 -25.68
C ALA A 20 8.66 -27.69 -26.10
N TRP A 21 9.66 -28.05 -25.30
CA TRP A 21 11.00 -27.56 -25.59
C TRP A 21 11.49 -28.20 -26.86
N ASN A 22 12.13 -27.39 -27.68
CA ASN A 22 12.54 -27.87 -28.99
C ASN A 22 13.89 -28.54 -28.90
N ARG A 23 14.03 -29.62 -29.66
CA ARG A 23 15.26 -30.39 -29.73
C ARG A 23 15.69 -30.44 -31.18
N LYS A 24 16.88 -29.94 -31.44
CA LYS A 24 17.45 -29.99 -32.77
C LYS A 24 18.85 -30.56 -32.65
N ARG A 25 19.22 -31.45 -33.56
CA ARG A 25 20.53 -32.08 -33.52
C ARG A 25 21.33 -31.67 -34.74
N ILE A 26 22.64 -31.58 -34.57
CA ILE A 26 23.52 -31.17 -35.65
C ILE A 26 24.51 -32.25 -36.09
N SER A 27 24.65 -32.43 -37.40
CA SER A 27 25.51 -33.45 -37.96
C SER A 27 26.85 -32.94 -38.50
N ASN A 28 26.94 -31.65 -38.75
CA ASN A 28 28.18 -31.08 -39.27
C ASN A 28 28.80 -30.08 -38.33
N CYS A 29 30.11 -30.24 -38.12
CA CYS A 29 30.92 -29.37 -37.27
C CYS A 29 31.57 -28.24 -38.07
N VAL A 30 30.89 -27.72 -39.08
CA VAL A 30 31.43 -26.63 -39.88
C VAL A 30 31.41 -25.39 -39.01
N ALA A 31 30.35 -25.25 -38.22
CA ALA A 31 30.16 -24.14 -37.32
C ALA A 31 31.03 -24.24 -36.07
N ASP A 32 31.39 -23.09 -35.52
CA ASP A 32 32.25 -23.02 -34.35
C ASP A 32 31.61 -22.19 -33.25
N TYR A 33 32.19 -22.28 -32.06
CA TYR A 33 31.70 -21.54 -30.90
C TYR A 33 32.44 -20.23 -30.71
N SER A 34 33.28 -19.90 -31.68
CA SER A 34 34.02 -18.67 -31.64
C SER A 34 33.04 -17.52 -31.57
N VAL A 35 32.07 -17.52 -32.47
CA VAL A 35 31.07 -16.46 -32.50
C VAL A 35 30.25 -16.43 -31.24
N LEU A 36 29.92 -17.60 -30.73
CA LEU A 36 29.14 -17.68 -29.54
C LEU A 36 29.88 -17.26 -28.27
N TYR A 37 30.85 -18.04 -27.85
CA TYR A 37 31.47 -17.77 -26.55
C TYR A 37 31.97 -16.32 -26.47
N ASN A 38 32.41 -15.76 -27.59
CA ASN A 38 32.76 -14.33 -27.65
C ASN A 38 31.55 -13.52 -28.10
N SER A 39 30.53 -13.50 -27.26
CA SER A 39 29.37 -12.71 -27.58
C SER A 39 28.94 -11.87 -26.40
N THR A 40 28.87 -10.56 -26.65
CA THR A 40 28.45 -9.58 -25.66
C THR A 40 27.02 -9.81 -25.21
N SER A 41 26.15 -10.11 -26.17
CA SER A 41 24.72 -10.26 -25.89
C SER A 41 24.30 -11.36 -24.95
N PHE A 42 24.97 -12.49 -24.97
CA PHE A 42 24.55 -13.56 -24.09
C PHE A 42 24.62 -13.21 -22.63
N SER A 43 23.46 -13.14 -22.01
CA SER A 43 23.36 -12.80 -20.62
C SER A 43 23.84 -13.90 -19.72
N THR A 44 23.70 -15.14 -20.16
CA THR A 44 24.17 -16.25 -19.36
C THR A 44 24.92 -17.18 -20.28
N PHE A 45 25.90 -17.90 -19.73
CA PHE A 45 26.70 -18.81 -20.52
C PHE A 45 27.42 -19.78 -19.62
N LYS A 46 26.70 -20.50 -18.80
CA LYS A 46 27.35 -21.42 -17.89
C LYS A 46 27.57 -22.75 -18.57
N CYS A 47 28.82 -23.15 -18.68
CA CYS A 47 29.14 -24.41 -19.29
C CYS A 47 29.50 -25.35 -18.16
N TYR A 48 28.83 -26.48 -18.14
CA TYR A 48 29.01 -27.48 -17.10
C TYR A 48 29.78 -28.65 -17.67
N GLY A 49 30.80 -29.09 -16.92
CA GLY A 49 31.58 -30.23 -17.35
C GLY A 49 32.42 -30.03 -18.60
N VAL A 50 32.91 -28.82 -18.84
CA VAL A 50 33.68 -28.51 -20.04
C VAL A 50 34.27 -27.12 -19.87
N SER A 51 35.24 -26.78 -20.72
CA SER A 51 35.87 -25.47 -20.68
C SER A 51 35.47 -24.66 -21.90
N PRO A 52 34.76 -23.54 -21.74
CA PRO A 52 34.28 -22.77 -22.90
C PRO A 52 35.34 -22.49 -23.93
N THR A 53 36.57 -22.25 -23.48
CA THR A 53 37.71 -22.15 -24.39
C THR A 53 37.96 -23.49 -25.08
N LYS A 54 38.00 -24.57 -24.30
CA LYS A 54 38.37 -25.88 -24.83
C LYS A 54 37.38 -26.40 -25.87
N LEU A 55 36.22 -25.78 -26.02
CA LEU A 55 35.19 -26.32 -26.90
C LEU A 55 35.66 -26.40 -28.35
N ASN A 56 36.37 -25.38 -28.83
CA ASN A 56 36.72 -25.38 -30.25
C ASN A 56 37.68 -26.51 -30.59
N ASP A 57 38.53 -26.92 -29.65
CA ASP A 57 39.46 -28.01 -29.90
C ASP A 57 38.75 -29.34 -30.15
N LEU A 58 37.71 -29.63 -29.37
CA LEU A 58 37.09 -30.95 -29.41
C LEU A 58 35.96 -30.99 -30.45
N CYS A 59 35.55 -32.20 -30.83
CA CYS A 59 34.21 -32.45 -31.39
C CYS A 59 33.68 -33.70 -30.68
N PHE A 60 32.34 -33.84 -30.67
CA PHE A 60 31.67 -34.80 -29.80
C PHE A 60 30.68 -35.66 -30.57
N THR A 61 30.27 -36.75 -29.91
CA THR A 61 29.44 -37.79 -30.54
C THR A 61 28.09 -37.25 -30.97
N ASN A 62 27.32 -36.70 -30.03
CA ASN A 62 26.01 -36.12 -30.33
C ASN A 62 25.95 -34.71 -29.78
N VAL A 63 25.46 -33.79 -30.61
CA VAL A 63 25.20 -32.41 -30.21
C VAL A 63 23.69 -32.20 -30.18
N TYR A 64 23.20 -31.61 -29.09
CA TYR A 64 21.77 -31.45 -28.90
C TYR A 64 21.44 -30.02 -28.49
N ALA A 65 20.58 -29.36 -29.25
CA ALA A 65 20.26 -27.96 -29.06
C ALA A 65 18.78 -27.83 -28.74
N ASP A 66 18.45 -27.63 -27.47
CA ASP A 66 17.07 -27.41 -27.02
C ASP A 66 16.82 -25.94 -26.83
N SER A 67 15.78 -25.43 -27.45
CA SER A 67 15.48 -24.02 -27.33
C SER A 67 14.07 -23.84 -26.79
N PHE A 68 13.87 -22.75 -26.02
CA PHE A 68 12.61 -22.42 -25.35
C PHE A 68 12.82 -21.15 -24.57
N VAL A 69 11.73 -20.57 -24.09
CA VAL A 69 11.71 -19.25 -23.46
C VAL A 69 10.90 -19.24 -22.16
N VAL A 70 11.42 -18.53 -21.16
CA VAL A 70 10.99 -18.62 -19.77
C VAL A 70 11.00 -17.22 -19.14
N ARG A 71 10.62 -17.14 -17.85
CA ARG A 71 10.69 -15.88 -17.11
C ARG A 71 12.12 -15.64 -16.69
N GLY A 72 12.60 -14.40 -16.85
CA GLY A 72 13.93 -14.02 -16.42
C GLY A 72 14.29 -14.67 -15.10
N ASP A 73 13.53 -14.36 -14.06
CA ASP A 73 13.62 -14.98 -12.76
C ASP A 73 13.92 -16.48 -12.80
N GLU A 74 13.34 -17.18 -13.78
CA GLU A 74 13.39 -18.63 -13.86
C GLU A 74 14.59 -19.14 -14.63
N VAL A 75 15.40 -18.25 -15.22
CA VAL A 75 16.56 -18.75 -15.95
C VAL A 75 17.50 -19.49 -15.01
N ARG A 76 17.59 -19.05 -13.75
CA ARG A 76 18.47 -19.74 -12.83
C ARG A 76 18.14 -21.22 -12.75
N GLN A 77 16.94 -21.63 -13.16
CA GLN A 77 16.50 -23.01 -12.98
C GLN A 77 17.23 -24.01 -13.88
N ILE A 78 17.58 -23.62 -15.11
CA ILE A 78 18.16 -24.52 -16.12
C ILE A 78 19.62 -24.83 -15.80
N ALA A 79 19.86 -25.81 -14.95
CA ALA A 79 21.20 -26.14 -14.51
C ALA A 79 21.13 -27.39 -13.67
N PRO A 80 22.23 -28.12 -13.56
CA PRO A 80 22.21 -29.38 -12.80
C PRO A 80 21.81 -29.13 -11.35
N GLY A 81 21.22 -30.16 -10.75
CA GLY A 81 20.84 -30.10 -9.35
C GLY A 81 19.94 -28.95 -9.00
N GLN A 82 19.17 -28.44 -9.95
CA GLN A 82 18.30 -27.32 -9.69
C GLN A 82 16.87 -27.78 -9.50
N THR A 83 16.27 -27.35 -8.40
CA THR A 83 14.90 -27.69 -8.08
C THR A 83 14.06 -26.42 -8.05
N GLY A 84 12.98 -26.42 -8.81
CA GLY A 84 12.10 -25.28 -8.94
C GLY A 84 10.83 -25.75 -9.63
N ARG A 85 10.02 -24.79 -10.06
CA ARG A 85 8.87 -25.19 -10.85
C ARG A 85 9.28 -25.57 -12.26
N ILE A 86 10.20 -24.83 -12.87
CA ILE A 86 10.58 -25.16 -14.23
C ILE A 86 11.38 -26.45 -14.23
N ALA A 87 12.31 -26.60 -13.30
CA ALA A 87 13.08 -27.83 -13.30
C ALA A 87 12.25 -29.02 -12.85
N ASP A 88 11.25 -28.84 -12.00
CA ASP A 88 10.45 -30.00 -11.65
C ASP A 88 9.47 -30.37 -12.75
N TYR A 89 8.82 -29.40 -13.36
CA TYR A 89 7.78 -29.67 -14.33
C TYR A 89 7.98 -29.19 -15.73
N ASN A 90 9.18 -28.87 -16.13
CA ASN A 90 9.33 -28.36 -17.47
C ASN A 90 10.56 -28.77 -18.26
N TYR A 91 11.75 -28.74 -17.66
CA TYR A 91 12.96 -29.09 -18.37
C TYR A 91 14.13 -29.47 -17.47
N LYS A 92 13.99 -30.50 -16.67
CA LYS A 92 15.06 -30.85 -15.77
C LYS A 92 16.28 -31.28 -16.51
N LEU A 93 17.45 -30.86 -16.04
CA LEU A 93 18.74 -31.21 -16.63
C LEU A 93 19.36 -32.16 -15.65
N PRO A 94 19.97 -33.21 -16.13
CA PRO A 94 20.51 -34.19 -15.20
C PRO A 94 21.74 -33.64 -14.59
N ASP A 95 22.00 -33.97 -13.33
CA ASP A 95 23.18 -33.50 -12.63
C ASP A 95 24.43 -33.74 -13.44
N ASP A 96 24.72 -35.00 -13.70
CA ASP A 96 25.89 -35.32 -14.49
C ASP A 96 25.67 -34.71 -15.84
N PHE A 97 25.48 -33.41 -15.89
CA PHE A 97 25.23 -32.84 -17.20
C PHE A 97 26.51 -32.24 -17.73
N THR A 98 26.91 -32.65 -18.94
CA THR A 98 28.06 -32.10 -19.62
C THR A 98 27.56 -31.36 -20.84
N GLY A 99 27.77 -30.05 -20.87
CA GLY A 99 27.23 -29.25 -21.94
C GLY A 99 27.35 -27.80 -21.57
N CYS A 100 26.48 -27.00 -22.15
CA CYS A 100 26.64 -25.58 -21.98
C CYS A 100 25.27 -24.94 -22.16
N VAL A 101 24.97 -23.99 -21.28
CA VAL A 101 23.68 -23.31 -21.23
C VAL A 101 23.85 -21.87 -21.63
N ILE A 102 22.92 -21.36 -22.41
CA ILE A 102 23.08 -20.06 -23.04
C ILE A 102 21.75 -19.34 -22.94
N ALA A 103 21.79 -18.05 -22.60
CA ALA A 103 20.52 -17.35 -22.57
C ALA A 103 20.74 -15.86 -22.72
N TRP A 104 19.76 -15.16 -23.26
CA TRP A 104 19.91 -13.73 -23.55
C TRP A 104 18.58 -13.01 -23.43
N ASN A 105 18.62 -11.72 -23.10
CA ASN A 105 17.35 -11.02 -23.02
C ASN A 105 16.63 -11.04 -24.35
N SER A 106 15.36 -11.41 -24.30
CA SER A 106 14.52 -11.46 -25.47
C SER A 106 13.34 -10.51 -25.35
N ASN A 107 13.51 -9.37 -24.68
CA ASN A 107 12.36 -8.53 -24.44
C ASN A 107 11.74 -8.05 -25.74
N ASN A 108 12.55 -7.48 -26.62
CA ASN A 108 11.97 -6.80 -27.77
C ASN A 108 11.24 -7.74 -28.71
N LEU A 109 11.57 -9.01 -28.70
CA LEU A 109 10.97 -9.94 -29.65
C LEU A 109 9.67 -10.55 -29.15
N ASP A 110 9.61 -10.89 -27.88
CA ASP A 110 8.57 -11.78 -27.39
C ASP A 110 7.48 -11.11 -26.55
N SER A 111 7.54 -9.82 -26.33
CA SER A 111 6.50 -9.14 -25.59
C SER A 111 6.01 -7.97 -26.40
N LYS A 112 4.70 -7.83 -26.48
CA LYS A 112 4.09 -6.76 -27.23
C LYS A 112 3.21 -5.94 -26.28
N VAL A 113 3.06 -4.65 -26.63
CA VAL A 113 2.11 -3.76 -26.00
C VAL A 113 0.77 -4.45 -25.85
N GLY A 114 0.26 -4.51 -24.65
CA GLY A 114 -0.94 -5.26 -24.42
C GLY A 114 -0.71 -6.73 -24.29
N GLY A 115 0.53 -7.16 -24.38
CA GLY A 115 0.84 -8.48 -23.90
C GLY A 115 0.94 -9.53 -24.99
N ASN A 116 1.73 -10.56 -24.71
CA ASN A 116 1.93 -11.66 -25.63
C ASN A 116 1.81 -12.92 -24.79
N TYR A 117 0.60 -13.47 -24.73
CA TYR A 117 0.38 -14.59 -23.86
C TYR A 117 0.70 -15.90 -24.54
N ASN A 118 1.29 -15.85 -25.73
CA ASN A 118 1.34 -17.05 -26.54
C ASN A 118 2.30 -18.07 -25.99
N TYR A 119 3.27 -17.66 -25.21
CA TYR A 119 4.19 -18.62 -24.64
C TYR A 119 3.54 -19.16 -23.38
N LEU A 120 3.72 -20.45 -23.12
CA LEU A 120 3.02 -21.11 -22.03
C LEU A 120 4.00 -21.90 -21.19
N TYR A 121 3.49 -22.54 -20.15
CA TYR A 121 4.28 -23.26 -19.16
C TYR A 121 3.38 -24.16 -18.35
N ARG A 122 3.96 -25.22 -17.84
CA ARG A 122 3.21 -26.28 -17.22
C ARG A 122 3.23 -26.08 -15.72
N LEU A 123 2.06 -25.97 -15.11
CA LEU A 123 1.97 -25.58 -13.71
C LEU A 123 1.96 -26.76 -12.76
N PHE A 124 1.20 -27.80 -13.03
CA PHE A 124 1.17 -28.96 -12.15
C PHE A 124 1.58 -30.19 -12.93
N ARG A 125 2.01 -31.20 -12.19
CA ARG A 125 2.33 -32.49 -12.79
C ARG A 125 2.40 -33.47 -11.65
N LYS A 126 1.93 -34.69 -11.89
CA LYS A 126 1.80 -35.59 -10.77
C LYS A 126 3.18 -36.02 -10.27
N SER A 127 4.19 -35.98 -11.12
CA SER A 127 5.54 -36.19 -10.63
C SER A 127 6.54 -35.51 -11.56
N ASN A 128 7.78 -35.41 -11.08
CA ASN A 128 8.82 -34.62 -11.73
C ASN A 128 9.28 -35.22 -13.04
N LEU A 129 9.67 -34.34 -13.96
CA LEU A 129 10.27 -34.76 -15.20
C LEU A 129 11.51 -35.59 -14.92
N LYS A 130 11.69 -36.59 -15.73
CA LYS A 130 12.98 -37.23 -15.87
C LYS A 130 13.86 -36.35 -16.76
N PRO A 131 15.18 -36.32 -16.54
CA PRO A 131 16.06 -35.44 -17.32
C PRO A 131 15.70 -35.42 -18.78
N PHE A 132 15.54 -34.26 -19.37
CA PHE A 132 15.17 -34.13 -20.76
C PHE A 132 13.87 -34.85 -21.12
N GLU A 133 12.96 -35.07 -20.18
CA GLU A 133 11.66 -35.59 -20.59
C GLU A 133 10.81 -34.44 -21.14
N ARG A 134 9.96 -34.77 -22.09
CA ARG A 134 9.07 -33.80 -22.68
C ARG A 134 7.66 -34.28 -22.46
N ASP A 135 6.87 -33.49 -21.78
CA ASP A 135 5.49 -33.86 -21.48
C ASP A 135 4.63 -32.74 -22.03
N ILE A 136 3.77 -33.07 -23.01
CA ILE A 136 2.90 -32.04 -23.54
C ILE A 136 1.44 -32.42 -23.41
N SER A 137 1.15 -33.48 -22.66
CA SER A 137 -0.23 -33.86 -22.39
C SER A 137 -1.00 -32.67 -21.84
N THR A 138 -2.26 -32.55 -22.23
CA THR A 138 -3.12 -31.49 -21.72
C THR A 138 -4.18 -32.01 -20.77
N GLU A 139 -4.02 -33.22 -20.24
CA GLU A 139 -5.05 -33.79 -19.38
C GLU A 139 -5.13 -33.02 -18.08
N ILE A 140 -6.36 -32.88 -17.58
CA ILE A 140 -6.65 -32.10 -16.38
C ILE A 140 -5.98 -32.71 -15.16
N TYR A 141 -5.42 -31.86 -14.31
CA TYR A 141 -4.63 -32.33 -13.18
C TYR A 141 -5.57 -32.64 -12.03
N GLN A 142 -5.72 -33.92 -11.71
CA GLN A 142 -6.68 -34.33 -10.69
C GLN A 142 -5.96 -34.36 -9.36
N ALA A 143 -5.95 -33.21 -8.70
CA ALA A 143 -5.37 -33.12 -7.38
C ALA A 143 -6.21 -33.85 -6.35
N GLY A 144 -7.52 -33.72 -6.44
CA GLY A 144 -8.42 -34.29 -5.46
C GLY A 144 -8.63 -35.77 -5.62
N SER A 145 -9.35 -36.34 -4.66
CA SER A 145 -9.79 -37.72 -4.78
C SER A 145 -10.89 -37.84 -5.81
N THR A 146 -11.78 -36.85 -5.83
CA THR A 146 -12.83 -36.81 -6.82
C THR A 146 -12.22 -36.67 -8.20
N PRO A 147 -12.52 -37.56 -9.14
CA PRO A 147 -11.98 -37.43 -10.48
C PRO A 147 -12.67 -36.37 -11.31
N CYS A 148 -11.90 -35.72 -12.17
CA CYS A 148 -12.43 -34.66 -12.99
C CYS A 148 -12.71 -35.18 -14.38
N ASN A 149 -13.93 -34.94 -14.84
CA ASN A 149 -14.36 -35.45 -16.13
C ASN A 149 -13.94 -34.46 -17.21
N GLY A 150 -12.62 -34.34 -17.36
CA GLY A 150 -12.06 -33.59 -18.45
C GLY A 150 -12.40 -32.12 -18.48
N VAL A 151 -12.87 -31.55 -17.37
CA VAL A 151 -13.12 -30.12 -17.25
C VAL A 151 -12.59 -29.70 -15.89
N GLU A 152 -12.01 -28.50 -15.81
CA GLU A 152 -11.45 -28.08 -14.53
C GLU A 152 -12.59 -27.65 -13.62
N GLY A 153 -12.53 -28.10 -12.39
CA GLY A 153 -13.53 -27.76 -11.39
C GLY A 153 -12.93 -27.80 -10.01
N PHE A 154 -13.75 -28.08 -9.01
CA PHE A 154 -13.21 -28.19 -7.67
C PHE A 154 -12.18 -29.30 -7.64
N ASN A 155 -10.96 -28.93 -7.30
CA ASN A 155 -9.83 -29.81 -7.11
C ASN A 155 -9.33 -30.48 -8.37
N CYS A 156 -9.71 -30.00 -9.54
CA CYS A 156 -8.93 -30.42 -10.69
C CYS A 156 -8.73 -29.23 -11.60
N TYR A 157 -7.49 -29.04 -12.01
CA TYR A 157 -7.08 -27.86 -12.72
C TYR A 157 -6.40 -28.28 -14.02
N PHE A 158 -6.68 -27.52 -15.07
CA PHE A 158 -5.88 -27.53 -16.27
C PHE A 158 -4.42 -27.25 -15.90
N PRO A 159 -3.46 -27.99 -16.43
CA PRO A 159 -2.06 -27.78 -16.00
C PRO A 159 -1.23 -26.84 -16.86
N LEU A 160 -1.77 -26.21 -17.88
CA LEU A 160 -0.97 -25.33 -18.72
C LEU A 160 -1.48 -23.89 -18.63
N GLN A 161 -0.59 -22.98 -18.26
CA GLN A 161 -0.94 -21.58 -18.17
C GLN A 161 0.03 -20.79 -19.03
N SER A 162 -0.31 -19.55 -19.35
CA SER A 162 0.51 -18.81 -20.30
C SER A 162 1.19 -17.63 -19.62
N TYR A 163 2.51 -17.65 -19.63
CA TYR A 163 3.34 -16.47 -19.46
C TYR A 163 2.66 -15.25 -20.06
N GLY A 164 2.52 -14.19 -19.26
CA GLY A 164 2.14 -12.90 -19.77
C GLY A 164 3.36 -12.02 -19.86
N PHE A 165 3.68 -11.59 -21.09
CA PHE A 165 4.87 -10.80 -21.34
C PHE A 165 4.46 -9.45 -21.88
N HIS A 166 4.81 -8.42 -21.13
CA HIS A 166 4.59 -7.07 -21.54
C HIS A 166 5.92 -6.33 -21.57
N PRO A 167 6.08 -5.33 -22.44
CA PRO A 167 7.30 -4.55 -22.42
C PRO A 167 7.60 -3.91 -21.08
N THR A 168 6.57 -3.57 -20.30
CA THR A 168 6.78 -2.85 -19.06
C THR A 168 7.31 -3.73 -17.93
N ASN A 169 7.27 -5.05 -18.09
CA ASN A 169 7.49 -5.95 -16.96
C ASN A 169 8.81 -5.70 -16.26
N GLY A 170 8.92 -6.24 -15.07
CA GLY A 170 10.21 -6.32 -14.43
C GLY A 170 11.08 -7.30 -15.14
N VAL A 171 12.39 -7.18 -14.95
CA VAL A 171 13.33 -8.06 -15.64
C VAL A 171 13.07 -9.51 -15.26
N GLY A 172 13.01 -9.80 -13.96
CA GLY A 172 12.70 -11.17 -13.53
C GLY A 172 11.49 -11.75 -14.22
N TYR A 173 10.46 -10.94 -14.42
CA TYR A 173 9.24 -11.34 -15.12
C TYR A 173 9.28 -10.93 -16.57
N GLN A 174 10.42 -10.58 -17.05
CA GLN A 174 10.61 -10.30 -18.46
C GLN A 174 11.00 -11.60 -19.16
N PRO A 175 10.83 -11.66 -20.46
CA PRO A 175 10.97 -12.95 -21.14
C PRO A 175 12.29 -13.14 -21.84
N TYR A 176 13.19 -13.99 -21.35
CA TYR A 176 14.33 -14.33 -22.20
C TYR A 176 14.35 -15.74 -22.73
N ARG A 177 14.77 -15.85 -24.00
CA ARG A 177 15.02 -17.13 -24.63
C ARG A 177 16.21 -17.86 -24.03
N VAL A 178 16.25 -19.16 -24.28
CA VAL A 178 17.29 -20.04 -23.77
C VAL A 178 17.57 -21.07 -24.84
N VAL A 179 18.84 -21.49 -24.91
CA VAL A 179 19.31 -22.59 -25.73
C VAL A 179 20.24 -23.44 -24.89
N VAL A 180 20.04 -24.75 -24.86
CA VAL A 180 20.88 -25.64 -24.08
C VAL A 180 21.56 -26.59 -25.05
N LEU A 181 22.88 -26.71 -24.92
CA LEU A 181 23.69 -27.61 -25.73
C LEU A 181 24.12 -28.82 -24.91
N SER A 182 23.78 -29.99 -25.43
CA SER A 182 24.10 -31.26 -24.81
C SER A 182 25.14 -31.99 -25.64
N PHE A 183 26.07 -32.64 -24.94
CA PHE A 183 27.22 -33.27 -25.54
C PHE A 183 27.28 -34.74 -25.16
N GLU A 184 27.53 -35.58 -26.15
CA GLU A 184 27.69 -37.01 -25.95
C GLU A 184 29.15 -37.43 -26.10
N LEU A 185 29.59 -38.28 -25.17
CA LEU A 185 30.99 -38.63 -25.02
C LEU A 185 31.20 -40.13 -25.21
N PRO B 1 -4.51 -40.00 -1.88
CA PRO B 1 -4.81 -39.69 -0.48
C PRO B 1 -4.02 -38.48 0.03
N SER B 2 -4.40 -37.28 -0.41
CA SER B 2 -3.69 -36.04 -0.11
C SER B 2 -4.49 -35.19 0.86
N THR B 3 -3.90 -34.86 2.01
CA THR B 3 -4.64 -34.23 3.08
C THR B 3 -5.26 -32.90 2.65
N ILE B 4 -6.15 -32.39 3.52
CA ILE B 4 -6.90 -31.18 3.17
C ILE B 4 -5.96 -30.00 3.07
N GLU B 5 -5.03 -29.88 4.03
CA GLU B 5 -4.02 -28.84 3.91
C GLU B 5 -3.28 -28.96 2.59
N GLU B 6 -2.68 -30.13 2.32
CA GLU B 6 -1.97 -30.37 1.08
C GLU B 6 -2.78 -29.87 -0.11
N LEU B 7 -3.94 -30.48 -0.28
CA LEU B 7 -4.83 -30.18 -1.38
C LEU B 7 -5.13 -28.68 -1.46
N ALA B 8 -5.26 -28.04 -0.30
CA ALA B 8 -5.55 -26.63 -0.24
C ALA B 8 -4.40 -25.82 -0.78
N LYS B 9 -3.20 -26.06 -0.25
CA LYS B 9 -2.00 -25.43 -0.80
C LYS B 9 -2.03 -25.46 -2.31
N THR B 10 -2.31 -26.63 -2.88
CA THR B 10 -2.36 -26.74 -4.33
C THR B 10 -3.38 -25.77 -4.91
N PHE B 11 -4.53 -25.69 -4.25
CA PHE B 11 -5.51 -24.68 -4.63
C PHE B 11 -4.85 -23.31 -4.71
N LEU B 12 -4.20 -22.88 -3.62
CA LEU B 12 -3.62 -21.54 -3.61
C LEU B 12 -2.70 -21.33 -4.79
N ASP B 13 -1.73 -22.24 -4.98
CA ASP B 13 -0.78 -22.06 -6.06
C ASP B 13 -1.51 -21.73 -7.33
N LYS B 14 -2.53 -22.51 -7.66
CA LYS B 14 -3.31 -22.14 -8.83
C LYS B 14 -3.92 -20.75 -8.69
N PHE B 15 -4.39 -20.42 -7.49
CA PHE B 15 -4.97 -19.11 -7.33
C PHE B 15 -3.94 -18.03 -7.65
N ASN B 16 -2.96 -17.86 -6.77
CA ASN B 16 -1.82 -16.97 -7.00
C ASN B 16 -1.52 -16.78 -8.47
N GLN B 17 -1.36 -17.86 -9.24
CA GLN B 17 -1.01 -17.61 -10.64
C GLN B 17 -2.13 -16.95 -11.41
N GLU B 18 -3.34 -17.50 -11.32
CA GLU B 18 -4.47 -16.87 -12.01
C GLU B 18 -4.65 -15.43 -11.58
N ALA B 19 -4.43 -15.17 -10.30
CA ALA B 19 -4.72 -13.89 -9.67
C ALA B 19 -3.70 -12.86 -10.07
N GLU B 20 -2.42 -13.15 -9.81
CA GLU B 20 -1.34 -12.36 -10.35
C GLU B 20 -1.66 -11.90 -11.75
N ASP B 21 -1.83 -12.85 -12.68
CA ASP B 21 -2.06 -12.46 -14.07
C ASP B 21 -3.19 -11.43 -14.19
N LEU B 22 -4.35 -11.76 -13.65
CA LEU B 22 -5.46 -10.84 -13.83
C LEU B 22 -5.17 -9.49 -13.18
N ASP B 23 -4.51 -9.51 -12.03
CA ASP B 23 -4.27 -8.27 -11.31
C ASP B 23 -3.38 -7.36 -12.14
N HIS B 24 -2.29 -7.89 -12.67
CA HIS B 24 -1.49 -7.14 -13.61
C HIS B 24 -2.34 -6.51 -14.69
N GLN B 25 -3.29 -7.28 -15.23
CA GLN B 25 -4.01 -6.77 -16.40
C GLN B 25 -4.96 -5.64 -16.04
N ARG B 26 -5.74 -5.81 -14.96
CA ARG B 26 -6.48 -4.68 -14.41
C ARG B 26 -5.53 -3.51 -14.26
N SER B 27 -4.44 -3.77 -13.55
CA SER B 27 -3.53 -2.74 -13.13
C SER B 27 -3.14 -1.88 -14.31
N LEU B 28 -2.62 -2.50 -15.36
CA LEU B 28 -2.28 -1.77 -16.57
C LEU B 28 -3.47 -1.00 -17.11
N ALA B 29 -4.61 -1.63 -17.09
CA ALA B 29 -5.80 -1.03 -17.60
C ALA B 29 -6.11 0.20 -16.82
N ALA B 30 -5.90 0.15 -15.52
CA ALA B 30 -6.18 1.29 -14.67
C ALA B 30 -5.14 2.34 -14.83
N TRP B 31 -3.93 1.93 -15.16
CA TRP B 31 -2.85 2.90 -15.33
C TRP B 31 -3.01 3.70 -16.59
N ASN B 32 -3.67 3.16 -17.59
CA ASN B 32 -3.86 3.92 -18.80
C ASN B 32 -4.97 4.92 -18.61
N TYR B 33 -5.95 4.55 -17.80
CA TYR B 33 -7.06 5.47 -17.53
C TYR B 33 -6.49 6.64 -16.80
N ASN B 34 -5.78 6.34 -15.72
CA ASN B 34 -5.17 7.41 -14.89
C ASN B 34 -4.30 8.27 -15.80
N THR B 35 -3.11 7.80 -16.19
CA THR B 35 -2.19 8.64 -17.00
C THR B 35 -2.88 9.22 -18.23
N ASN B 36 -4.02 8.67 -18.65
CA ASN B 36 -4.61 9.15 -19.93
C ASN B 36 -6.14 9.03 -19.86
N ILE B 37 -6.80 9.98 -19.20
CA ILE B 37 -8.28 9.93 -19.04
C ILE B 37 -8.91 10.05 -20.44
N THR B 38 -9.45 8.95 -20.96
CA THR B 38 -10.13 8.94 -22.27
C THR B 38 -11.40 8.11 -22.14
N LYS B 39 -12.51 8.59 -22.71
CA LYS B 39 -13.73 7.81 -22.66
C LYS B 39 -13.44 6.33 -22.86
N GLU B 40 -12.72 5.99 -23.94
CA GLU B 40 -12.41 4.58 -24.17
C GLU B 40 -11.68 4.00 -22.98
N ASN B 41 -10.65 4.69 -22.49
CA ASN B 41 -9.86 4.15 -21.40
C ASN B 41 -10.68 3.96 -20.15
N THR B 42 -11.61 4.86 -19.90
CA THR B 42 -12.57 4.67 -18.81
C THR B 42 -13.29 3.35 -18.99
N GLU B 43 -13.90 3.18 -20.15
CA GLU B 43 -14.65 1.97 -20.43
C GLU B 43 -13.79 0.76 -20.12
N LYS B 44 -12.60 0.73 -20.71
CA LYS B 44 -11.70 -0.41 -20.56
C LYS B 44 -11.31 -0.64 -19.11
N MET B 45 -11.13 0.43 -18.34
CA MET B 45 -10.73 0.23 -16.96
C MET B 45 -11.86 -0.38 -16.16
N ASN B 46 -13.08 0.09 -16.40
CA ASN B 46 -14.21 -0.49 -15.70
C ASN B 46 -14.37 -1.95 -16.08
N GLU B 47 -14.38 -2.25 -17.39
CA GLU B 47 -14.47 -3.63 -17.82
C GLU B 47 -13.46 -4.50 -17.07
N ALA B 48 -12.18 -4.14 -17.15
CA ALA B 48 -11.16 -4.95 -16.51
C ALA B 48 -11.39 -5.07 -15.01
N GLU B 49 -11.74 -3.97 -14.35
CA GLU B 49 -12.08 -4.08 -12.94
C GLU B 49 -13.12 -5.16 -12.76
N ALA B 50 -14.20 -5.08 -13.55
CA ALA B 50 -15.32 -6.00 -13.45
C ALA B 50 -14.87 -7.45 -13.51
N LYS B 51 -13.96 -7.78 -14.42
CA LYS B 51 -13.46 -9.15 -14.41
C LYS B 51 -12.70 -9.46 -13.14
N TRP B 52 -11.85 -8.54 -12.67
CA TRP B 52 -11.12 -8.80 -11.43
C TRP B 52 -12.08 -9.01 -10.26
N SER B 53 -13.02 -8.10 -10.09
CA SER B 53 -14.05 -8.22 -9.06
C SER B 53 -14.78 -9.56 -9.15
N ALA B 54 -15.33 -9.89 -10.32
CA ALA B 54 -16.03 -11.15 -10.50
C ALA B 54 -15.16 -12.32 -10.08
N PHE B 55 -13.93 -12.35 -10.59
CA PHE B 55 -13.00 -13.42 -10.29
C PHE B 55 -12.80 -13.56 -8.80
N TYR B 56 -12.72 -12.43 -8.10
CA TYR B 56 -12.37 -12.53 -6.71
C TYR B 56 -13.46 -13.23 -5.94
N GLU B 57 -14.71 -12.87 -6.22
CA GLU B 57 -15.81 -13.52 -5.53
C GLU B 57 -15.78 -15.01 -5.78
N GLU B 58 -15.73 -15.41 -7.08
CA GLU B 58 -15.71 -16.85 -7.38
C GLU B 58 -14.67 -17.58 -6.55
N GLN B 59 -13.44 -17.05 -6.57
CA GLN B 59 -12.39 -17.73 -5.84
C GLN B 59 -12.67 -17.74 -4.35
N SER B 60 -13.34 -16.72 -3.86
CA SER B 60 -13.57 -16.66 -2.41
C SER B 60 -14.44 -17.82 -1.97
N LYS B 61 -15.60 -18.00 -2.63
CA LYS B 61 -16.41 -19.17 -2.33
C LYS B 61 -15.54 -20.41 -2.27
N LEU B 62 -14.86 -20.70 -3.38
CA LEU B 62 -14.08 -21.94 -3.41
C LEU B 62 -13.18 -22.04 -2.20
N ALA B 63 -12.50 -20.95 -1.85
CA ALA B 63 -11.65 -20.95 -0.67
C ALA B 63 -12.42 -21.48 0.52
N LYS B 64 -13.61 -20.91 0.75
CA LYS B 64 -14.41 -21.40 1.86
C LYS B 64 -14.53 -22.90 1.81
N ASP B 65 -14.61 -23.47 0.61
CA ASP B 65 -14.74 -24.93 0.55
C ASP B 65 -13.56 -25.68 1.16
N TYR B 66 -12.48 -24.99 1.50
CA TYR B 66 -11.51 -25.73 2.30
C TYR B 66 -11.68 -25.33 3.75
N PRO B 67 -11.79 -26.30 4.66
CA PRO B 67 -12.18 -26.01 6.04
C PRO B 67 -11.03 -25.36 6.79
N LEU B 68 -11.23 -24.12 7.23
CA LEU B 68 -10.11 -23.38 7.76
C LEU B 68 -9.50 -24.10 8.95
N GLN B 69 -10.33 -24.71 9.79
CA GLN B 69 -9.82 -25.36 10.99
C GLN B 69 -8.81 -26.45 10.69
N GLU B 70 -8.80 -26.98 9.46
CA GLU B 70 -7.99 -28.15 9.17
C GLU B 70 -6.54 -27.78 8.90
N ILE B 71 -6.27 -26.56 8.41
CA ILE B 71 -4.92 -26.16 8.01
C ILE B 71 -3.98 -26.09 9.21
N GLN B 72 -2.74 -26.50 8.99
CA GLN B 72 -1.78 -26.44 10.07
C GLN B 72 -0.65 -25.45 9.86
N ASN B 73 -0.26 -25.17 8.62
CA ASN B 73 0.77 -24.17 8.36
C ASN B 73 0.11 -22.81 8.54
N PHE B 74 0.44 -22.13 9.65
CA PHE B 74 -0.10 -20.80 9.94
C PHE B 74 0.17 -19.83 8.80
N THR B 75 1.36 -19.92 8.23
CA THR B 75 1.71 -19.11 7.06
C THR B 75 0.77 -19.40 5.91
N LEU B 76 0.43 -20.67 5.73
CA LEU B 76 -0.61 -21.04 4.79
C LEU B 76 -1.96 -20.50 5.25
N LYS B 77 -2.36 -20.91 6.44
CA LYS B 77 -3.62 -20.56 7.04
C LYS B 77 -3.93 -19.08 6.87
N ARG B 78 -2.92 -18.23 7.00
CA ARG B 78 -3.16 -16.79 6.96
C ARG B 78 -3.59 -16.34 5.58
N GLN B 79 -2.91 -16.83 4.54
CA GLN B 79 -3.40 -16.50 3.21
C GLN B 79 -4.80 -17.02 3.04
N LEU B 80 -5.06 -18.23 3.52
CA LEU B 80 -6.38 -18.81 3.35
C LEU B 80 -7.44 -17.93 4.01
N GLN B 81 -7.32 -17.71 5.32
CA GLN B 81 -8.29 -16.91 6.04
C GLN B 81 -8.52 -15.60 5.32
N ALA B 82 -7.44 -14.92 4.95
CA ALA B 82 -7.58 -13.66 4.25
C ALA B 82 -8.42 -13.82 2.99
N LEU B 83 -8.24 -14.91 2.26
CA LEU B 83 -8.95 -15.01 0.99
C LEU B 83 -10.44 -15.20 1.23
N GLN B 84 -10.80 -16.05 2.18
CA GLN B 84 -12.16 -16.53 2.28
C GLN B 84 -13.06 -15.63 3.10
N GLN B 85 -12.63 -14.41 3.38
CA GLN B 85 -13.58 -13.45 3.92
C GLN B 85 -14.68 -13.25 2.87
N SER B 86 -15.91 -13.52 3.26
CA SER B 86 -16.96 -13.35 2.28
C SER B 86 -17.15 -11.87 2.01
N GLY B 87 -17.70 -11.52 0.87
CA GLY B 87 -17.87 -10.12 0.60
C GLY B 87 -19.19 -9.73 1.16
N SER B 88 -19.99 -9.10 0.31
CA SER B 88 -21.34 -8.71 0.62
C SER B 88 -22.20 -9.60 -0.26
N SER B 89 -21.85 -10.88 -0.26
CA SER B 89 -22.52 -11.91 -1.03
C SER B 89 -22.60 -13.16 -0.19
N ALA B 90 -22.52 -13.00 1.13
CA ALA B 90 -22.64 -14.11 2.05
C ALA B 90 -23.96 -13.97 2.76
N LEU B 91 -24.93 -13.44 2.04
CA LEU B 91 -26.27 -13.20 2.49
C LEU B 91 -27.18 -13.12 1.28
N SER B 92 -28.39 -12.63 1.47
CA SER B 92 -29.34 -12.50 0.38
C SER B 92 -28.82 -11.76 -0.81
N ALA B 93 -29.25 -12.20 -1.98
CA ALA B 93 -28.90 -11.57 -3.21
C ALA B 93 -29.82 -10.38 -3.42
N ASN B 94 -30.98 -10.42 -2.81
CA ASN B 94 -31.93 -9.34 -2.93
C ASN B 94 -31.60 -8.24 -1.96
N LYS B 95 -30.82 -8.58 -0.93
CA LYS B 95 -30.39 -7.63 0.06
C LYS B 95 -29.18 -6.95 -0.54
N ARG B 96 -28.27 -7.77 -1.03
CA ARG B 96 -27.04 -7.23 -1.61
C ARG B 96 -27.33 -6.06 -2.55
N GLU B 97 -28.21 -6.27 -3.53
CA GLU B 97 -28.51 -5.19 -4.46
C GLU B 97 -28.92 -3.91 -3.72
N GLN B 98 -29.84 -4.05 -2.75
CA GLN B 98 -30.27 -2.90 -1.97
C GLN B 98 -29.07 -2.18 -1.39
N LEU B 99 -28.17 -2.93 -0.75
CA LEU B 99 -27.02 -2.28 -0.13
C LEU B 99 -26.22 -1.46 -1.14
N ASN B 100 -25.83 -2.06 -2.27
CA ASN B 100 -25.04 -1.28 -3.22
C ASN B 100 -25.77 -0.03 -3.67
N THR B 101 -27.10 -0.09 -3.75
CA THR B 101 -27.84 1.11 -4.14
C THR B 101 -27.71 2.19 -3.08
N ILE B 102 -27.82 1.82 -1.80
CA ILE B 102 -27.60 2.76 -0.71
C ILE B 102 -26.24 3.43 -0.86
N LEU B 103 -25.20 2.61 -0.97
CA LEU B 103 -23.84 3.14 -1.04
C LEU B 103 -23.65 4.10 -2.21
N ASN B 104 -24.06 3.68 -3.42
CA ASN B 104 -23.85 4.52 -4.59
C ASN B 104 -24.58 5.84 -4.43
N THR B 105 -25.78 5.80 -3.84
CA THR B 105 -26.49 7.04 -3.56
C THR B 105 -25.72 7.93 -2.58
N MET B 106 -25.29 7.38 -1.43
CA MET B 106 -24.52 8.16 -0.46
C MET B 106 -23.36 8.86 -1.15
N SER B 107 -22.37 8.09 -1.54
CA SER B 107 -21.24 8.71 -2.17
C SER B 107 -21.81 9.71 -3.14
N THR B 108 -22.85 9.29 -3.82
CA THR B 108 -23.47 10.12 -4.84
C THR B 108 -23.87 11.46 -4.30
N ILE B 109 -24.54 11.44 -3.16
CA ILE B 109 -24.97 12.67 -2.56
C ILE B 109 -23.74 13.44 -2.23
N TYR B 110 -22.93 12.82 -1.39
CA TYR B 110 -21.69 13.37 -0.92
C TYR B 110 -20.84 13.87 -2.06
N SER B 111 -20.83 13.13 -3.15
CA SER B 111 -20.02 13.50 -4.29
C SER B 111 -20.39 14.86 -4.78
N THR B 112 -21.63 15.01 -5.18
CA THR B 112 -22.07 16.29 -5.63
C THR B 112 -23.16 16.70 -4.73
N GLY B 113 -22.78 17.37 -3.66
CA GLY B 113 -23.73 17.89 -2.71
C GLY B 113 -23.23 19.30 -2.61
N LYS B 114 -23.98 20.26 -3.12
CA LYS B 114 -23.52 21.62 -3.06
C LYS B 114 -24.31 22.39 -2.03
N VAL B 115 -23.72 23.43 -1.46
CA VAL B 115 -24.43 24.23 -0.46
C VAL B 115 -24.47 25.68 -0.91
N CYS B 116 -25.48 26.40 -0.43
CA CYS B 116 -25.67 27.79 -0.83
C CYS B 116 -25.94 28.63 0.40
N ASN B 117 -25.20 29.70 0.55
CA ASN B 117 -25.48 30.53 1.72
C ASN B 117 -26.70 31.39 1.46
N PRO B 118 -27.40 31.74 2.54
CA PRO B 118 -28.57 32.59 2.49
C PRO B 118 -28.18 33.71 1.59
N LYS B 119 -27.22 34.53 1.99
CA LYS B 119 -26.83 35.61 1.12
C LYS B 119 -26.20 35.02 -0.11
N LYS B 120 -26.54 35.62 -1.24
CA LYS B 120 -26.10 35.20 -2.56
C LYS B 120 -26.34 33.72 -2.69
N PRO B 121 -27.64 33.31 -2.65
CA PRO B 121 -28.04 31.91 -2.75
C PRO B 121 -27.48 31.27 -4.02
N GLN B 122 -27.62 32.01 -5.12
CA GLN B 122 -27.11 31.59 -6.38
C GLN B 122 -25.63 31.24 -6.26
N GLU B 123 -24.98 31.51 -5.13
CA GLU B 123 -23.58 31.11 -5.13
C GLU B 123 -23.57 29.61 -5.14
N CYS B 124 -24.09 29.05 -4.05
CA CYS B 124 -24.21 27.62 -3.86
C CYS B 124 -22.98 26.82 -4.27
N LEU B 125 -21.91 27.00 -3.50
CA LEU B 125 -20.67 26.33 -3.82
C LEU B 125 -20.68 24.83 -3.61
N LEU B 126 -19.68 24.19 -4.21
CA LEU B 126 -19.54 22.76 -4.16
C LEU B 126 -18.55 22.36 -3.12
N LEU B 127 -18.76 21.20 -2.54
CA LEU B 127 -17.87 20.73 -1.52
C LEU B 127 -16.44 20.62 -2.00
N GLU B 128 -16.24 20.01 -3.16
CA GLU B 128 -14.87 19.78 -3.66
C GLU B 128 -13.90 20.94 -3.67
N PRO B 129 -14.13 21.95 -4.51
CA PRO B 129 -13.19 23.04 -4.58
C PRO B 129 -13.88 24.32 -4.25
N GLY B 130 -14.80 24.30 -3.30
CA GLY B 130 -15.50 25.51 -2.95
C GLY B 130 -15.42 25.82 -1.48
N LEU B 131 -16.25 25.16 -0.70
CA LEU B 131 -16.28 25.37 0.73
C LEU B 131 -14.92 25.16 1.32
N ASP B 132 -14.35 24.00 1.02
CA ASP B 132 -13.05 23.60 1.51
C ASP B 132 -12.00 24.65 1.35
N GLU B 133 -12.05 25.40 0.25
CA GLU B 133 -11.06 26.44 0.05
C GLU B 133 -11.37 27.66 0.93
N ILE B 134 -12.54 27.64 1.56
CA ILE B 134 -12.96 28.65 2.49
C ILE B 134 -12.55 28.14 3.85
N MET B 135 -13.26 27.12 4.31
CA MET B 135 -12.93 26.67 5.66
C MET B 135 -11.46 26.77 5.94
N ALA B 136 -10.63 26.70 4.91
CA ALA B 136 -9.19 26.69 5.17
C ALA B 136 -8.65 28.08 5.51
N ASN B 137 -9.11 29.14 4.85
CA ASN B 137 -8.51 30.46 5.06
C ASN B 137 -9.54 31.54 5.40
N SER B 138 -10.64 31.17 6.05
CA SER B 138 -11.71 32.10 6.39
C SER B 138 -11.72 32.34 7.88
N THR B 139 -11.60 33.61 8.29
CA THR B 139 -11.66 33.98 9.69
C THR B 139 -12.96 34.68 10.07
N ASP B 140 -13.95 34.70 9.20
CA ASP B 140 -15.27 35.22 9.54
C ASP B 140 -16.09 34.11 10.18
N TYR B 141 -16.49 34.32 11.43
CA TYR B 141 -17.30 33.33 12.13
C TYR B 141 -18.64 33.12 11.45
N SER B 142 -19.25 34.18 10.93
CA SER B 142 -20.57 34.01 10.32
C SER B 142 -20.46 33.18 9.05
N GLU B 143 -19.56 33.57 8.15
CA GLU B 143 -19.22 32.80 6.96
C GLU B 143 -18.99 31.33 7.27
N ARG B 144 -17.90 31.05 7.97
CA ARG B 144 -17.60 29.72 8.48
C ARG B 144 -18.77 28.98 9.09
N LEU B 145 -19.60 29.67 9.85
CA LEU B 145 -20.73 29.00 10.44
C LEU B 145 -21.73 28.56 9.39
N TRP B 146 -22.10 29.46 8.47
CA TRP B 146 -23.12 29.07 7.50
C TRP B 146 -22.61 27.94 6.61
N VAL B 147 -21.34 27.96 6.28
CA VAL B 147 -20.74 26.93 5.48
C VAL B 147 -20.69 25.63 6.27
N TRP B 148 -20.97 25.69 7.57
CA TRP B 148 -20.90 24.50 8.41
C TRP B 148 -22.20 23.82 8.63
N GLU B 149 -23.22 24.55 9.02
CA GLU B 149 -24.50 23.90 9.29
C GLU B 149 -25.17 23.50 7.99
N GLY B 150 -25.00 24.32 6.96
CA GLY B 150 -25.59 24.06 5.66
C GLY B 150 -25.28 22.68 5.16
N TRP B 151 -24.00 22.37 5.06
CA TRP B 151 -23.55 21.07 4.65
C TRP B 151 -24.11 20.04 5.58
N ARG B 152 -23.98 20.25 6.88
CA ARG B 152 -24.50 19.30 7.85
C ARG B 152 -26.00 19.12 7.88
N SER B 153 -26.75 20.12 7.43
CA SER B 153 -28.18 20.01 7.37
C SER B 153 -28.59 19.36 6.06
N GLU B 154 -28.12 19.93 4.97
CA GLU B 154 -28.43 19.44 3.63
C GLU B 154 -28.25 17.96 3.44
N VAL B 155 -27.01 17.50 3.50
CA VAL B 155 -26.79 16.10 3.28
C VAL B 155 -27.21 15.26 4.47
N GLY B 156 -27.19 15.84 5.66
CA GLY B 156 -27.57 15.13 6.86
C GLY B 156 -28.96 14.57 6.72
N LYS B 157 -29.96 15.43 6.56
CA LYS B 157 -31.29 14.88 6.42
C LYS B 157 -31.30 13.75 5.40
N GLN B 158 -30.62 13.93 4.26
CA GLN B 158 -30.67 12.87 3.27
C GLN B 158 -29.95 11.63 3.75
N LEU B 159 -28.85 11.80 4.47
CA LEU B 159 -28.00 10.68 4.78
C LEU B 159 -28.45 9.89 5.99
N ARG B 160 -29.16 10.53 6.93
CA ARG B 160 -29.59 9.84 8.14
C ARG B 160 -30.41 8.58 7.85
N PRO B 161 -31.53 8.66 7.11
CA PRO B 161 -32.27 7.42 6.82
C PRO B 161 -31.37 6.37 6.21
N LEU B 162 -30.67 6.73 5.12
CA LEU B 162 -29.79 5.77 4.46
C LEU B 162 -28.87 5.10 5.45
N TYR B 163 -28.26 5.89 6.31
CA TYR B 163 -27.27 5.33 7.21
C TYR B 163 -27.88 4.27 8.10
N GLU B 164 -29.09 4.50 8.58
CA GLU B 164 -29.60 3.52 9.53
C GLU B 164 -29.72 2.14 8.89
N GLU B 165 -30.39 2.08 7.74
CA GLU B 165 -30.45 0.83 6.99
C GLU B 165 -29.06 0.26 6.77
N TYR B 166 -28.14 1.10 6.25
CA TYR B 166 -26.74 0.72 6.08
C TYR B 166 -26.25 -0.10 7.27
N VAL B 167 -26.51 0.41 8.48
CA VAL B 167 -26.08 -0.29 9.67
C VAL B 167 -26.71 -1.67 9.75
N VAL B 168 -28.01 -1.77 9.48
CA VAL B 168 -28.68 -3.07 9.64
C VAL B 168 -28.09 -4.09 8.69
N LEU B 169 -27.92 -3.72 7.42
CA LEU B 169 -27.32 -4.64 6.46
C LEU B 169 -25.96 -5.11 6.95
N LYS B 170 -25.09 -4.18 7.31
CA LYS B 170 -23.74 -4.60 7.69
C LYS B 170 -23.74 -5.50 8.91
N ASN B 171 -24.57 -5.24 9.91
CA ASN B 171 -24.62 -6.19 11.03
C ASN B 171 -25.10 -7.55 10.57
N GLU B 172 -26.12 -7.60 9.70
CA GLU B 172 -26.51 -8.90 9.19
C GLU B 172 -25.34 -9.60 8.53
N MET B 173 -24.49 -8.85 7.82
CA MET B 173 -23.35 -9.48 7.16
C MET B 173 -22.33 -9.99 8.17
N ALA B 174 -21.91 -9.13 9.09
CA ALA B 174 -20.96 -9.53 10.10
C ALA B 174 -21.43 -10.78 10.82
N ARG B 175 -22.68 -10.75 11.30
CA ARG B 175 -23.26 -11.91 11.96
C ARG B 175 -23.23 -13.12 11.05
N ALA B 176 -23.59 -12.92 9.78
CA ALA B 176 -23.47 -13.97 8.79
C ALA B 176 -22.09 -14.60 8.84
N ASN B 177 -21.06 -13.77 8.97
CA ASN B 177 -19.70 -14.23 8.88
C ASN B 177 -19.10 -14.57 10.23
N ASN B 178 -19.94 -14.91 11.21
CA ASN B 178 -19.46 -15.26 12.54
C ASN B 178 -18.78 -14.09 13.20
N TYR B 179 -19.19 -12.88 12.87
CA TYR B 179 -18.69 -11.67 13.52
C TYR B 179 -19.78 -11.06 14.38
N GLU B 180 -19.38 -10.49 15.53
CA GLU B 180 -20.35 -9.91 16.45
C GLU B 180 -21.20 -8.83 15.81
N ASP B 181 -20.59 -7.98 15.01
CA ASP B 181 -21.26 -6.84 14.38
C ASP B 181 -20.21 -6.20 13.47
N TYR B 182 -20.67 -5.26 12.65
CA TYR B 182 -19.76 -4.66 11.66
C TYR B 182 -18.50 -4.17 12.33
N GLY B 183 -18.65 -3.50 13.47
CA GLY B 183 -17.53 -3.10 14.30
C GLY B 183 -16.52 -4.23 14.39
N ASP B 184 -16.91 -5.35 14.96
CA ASP B 184 -15.95 -6.43 15.13
C ASP B 184 -15.38 -6.90 13.81
N TYR B 185 -16.15 -6.79 12.74
CA TYR B 185 -15.61 -7.10 11.41
C TYR B 185 -14.41 -6.22 11.11
N TRP B 186 -14.57 -4.91 11.22
CA TRP B 186 -13.45 -4.04 10.92
C TRP B 186 -12.29 -4.27 11.87
N ARG B 187 -12.57 -4.65 13.11
CA ARG B 187 -11.48 -4.97 14.01
C ARG B 187 -10.81 -6.29 13.68
N GLY B 188 -11.37 -7.08 12.77
CA GLY B 188 -10.61 -8.23 12.28
C GLY B 188 -9.23 -7.87 11.79
N ASP B 189 -9.13 -6.81 10.95
CA ASP B 189 -7.90 -6.49 10.21
C ASP B 189 -6.68 -6.58 11.08
N TYR B 190 -6.79 -6.21 12.34
CA TYR B 190 -5.67 -6.34 13.24
C TYR B 190 -5.71 -7.67 13.97
N GLU B 191 -6.02 -8.77 13.32
CA GLU B 191 -6.02 -10.02 14.06
C GLU B 191 -4.78 -10.81 13.70
N ALA B 192 -4.18 -11.45 14.67
CA ALA B 192 -2.94 -12.20 14.48
C ALA B 192 -3.19 -13.63 14.86
N GLU B 193 -2.83 -14.56 13.97
CA GLU B 193 -3.10 -15.96 14.21
C GLU B 193 -1.81 -16.73 14.45
N GLY B 194 -0.70 -16.01 14.64
CA GLY B 194 0.56 -16.68 14.92
C GLY B 194 0.52 -17.58 16.13
N ALA B 195 -0.29 -17.24 17.13
CA ALA B 195 -0.64 -18.10 18.26
C ALA B 195 0.58 -18.66 19.02
N ASP B 196 1.74 -18.04 18.85
CA ASP B 196 2.91 -18.38 19.64
C ASP B 196 3.28 -17.18 20.50
N GLY B 197 2.38 -16.79 21.40
CA GLY B 197 2.53 -15.54 22.10
C GLY B 197 2.50 -14.31 21.21
N TYR B 198 2.45 -14.46 19.89
CA TYR B 198 2.31 -13.34 18.99
C TYR B 198 0.89 -13.12 18.53
N GLY B 199 -0.04 -13.94 18.99
CA GLY B 199 -1.41 -13.83 18.53
C GLY B 199 -2.04 -12.53 18.96
N TYR B 200 -3.12 -12.18 18.29
CA TYR B 200 -3.84 -10.95 18.53
C TYR B 200 -5.31 -11.15 18.24
N ASN B 201 -6.14 -10.51 19.07
CA ASN B 201 -7.58 -10.69 19.09
C ASN B 201 -8.28 -9.37 18.89
N ARG B 202 -9.33 -9.37 18.08
CA ARG B 202 -10.08 -8.14 17.81
C ARG B 202 -10.53 -7.42 19.08
N ASN B 203 -10.68 -8.13 20.20
CA ASN B 203 -11.02 -7.46 21.45
C ASN B 203 -9.85 -6.67 21.99
N GLN B 204 -8.64 -7.19 21.87
CA GLN B 204 -7.51 -6.48 22.43
C GLN B 204 -7.32 -5.11 21.78
N LEU B 205 -7.80 -4.94 20.56
CA LEU B 205 -7.52 -3.69 19.88
C LEU B 205 -8.18 -2.53 20.62
N ILE B 206 -9.45 -2.68 21.00
CA ILE B 206 -10.14 -1.59 21.65
C ILE B 206 -9.38 -1.18 22.90
N GLU B 207 -9.09 -2.15 23.77
CA GLU B 207 -8.31 -1.86 24.97
C GLU B 207 -7.05 -1.11 24.63
N ASP B 208 -6.34 -1.56 23.61
CA ASP B 208 -5.04 -0.97 23.35
C ASP B 208 -5.16 0.45 22.84
N VAL B 209 -6.12 0.69 21.94
CA VAL B 209 -6.38 2.07 21.53
C VAL B 209 -6.70 2.93 22.73
N GLU B 210 -7.71 2.55 23.51
CA GLU B 210 -8.10 3.34 24.67
C GLU B 210 -6.90 3.64 25.56
N ARG B 211 -6.19 2.60 26.00
CA ARG B 211 -5.03 2.80 26.85
C ARG B 211 -4.07 3.84 26.30
N THR B 212 -3.64 3.66 25.05
CA THR B 212 -2.68 4.60 24.50
C THR B 212 -3.24 6.02 24.51
N PHE B 213 -4.49 6.19 24.06
CA PHE B 213 -5.08 7.51 24.10
C PHE B 213 -5.03 8.08 25.50
N ALA B 214 -5.25 7.24 26.52
CA ALA B 214 -5.11 7.68 27.90
C ALA B 214 -3.75 8.31 28.11
N GLU B 215 -2.70 7.63 27.67
CA GLU B 215 -1.36 8.21 27.82
C GLU B 215 -1.11 9.45 26.96
N ILE B 216 -1.81 9.60 25.86
CA ILE B 216 -1.63 10.76 24.99
C ILE B 216 -2.34 11.95 25.57
N LYS B 217 -3.41 11.72 26.31
CA LYS B 217 -4.31 12.82 26.65
C LYS B 217 -3.58 14.02 27.24
N PRO B 218 -2.66 13.88 28.22
CA PRO B 218 -1.95 15.07 28.74
C PRO B 218 -1.43 15.99 27.66
N LEU B 219 -0.64 15.42 26.78
CA LEU B 219 -0.17 16.15 25.64
C LEU B 219 -1.31 16.86 24.94
N TYR B 220 -2.36 16.10 24.66
CA TYR B 220 -3.40 16.67 23.84
C TYR B 220 -3.95 17.91 24.51
N GLU B 221 -4.27 17.78 25.80
CA GLU B 221 -4.86 18.89 26.52
C GLU B 221 -4.03 20.13 26.36
N HIS B 222 -2.73 20.04 26.63
CA HIS B 222 -1.94 21.27 26.58
C HIS B 222 -1.89 21.86 25.18
N LEU B 223 -1.76 21.02 24.16
CA LEU B 223 -1.91 21.56 22.82
C LEU B 223 -3.24 22.27 22.68
N HIS B 224 -4.25 21.72 23.31
CA HIS B 224 -5.58 22.23 23.13
C HIS B 224 -5.72 23.61 23.77
N ALA B 225 -5.34 23.73 25.03
CA ALA B 225 -5.39 25.02 25.68
C ALA B 225 -4.62 26.05 24.87
N TYR B 226 -3.35 25.78 24.57
CA TYR B 226 -2.58 26.74 23.78
C TYR B 226 -3.38 27.25 22.58
N VAL B 227 -3.92 26.30 21.80
CA VAL B 227 -4.56 26.66 20.53
C VAL B 227 -5.85 27.45 20.80
N ARG B 228 -6.63 27.02 21.78
CA ARG B 228 -7.79 27.80 22.21
C ARG B 228 -7.41 29.25 22.49
N ALA B 229 -6.47 29.45 23.41
CA ALA B 229 -6.00 30.80 23.74
C ALA B 229 -5.75 31.63 22.49
N LYS B 230 -4.81 31.20 21.61
CA LYS B 230 -4.52 32.02 20.44
C LYS B 230 -5.77 32.34 19.63
N LEU B 231 -6.67 31.36 19.56
CA LEU B 231 -7.91 31.57 18.83
C LEU B 231 -8.73 32.68 19.48
N MET B 232 -8.75 32.72 20.82
CA MET B 232 -9.54 33.73 21.50
C MET B 232 -9.24 35.11 20.98
N ASN B 233 -7.97 35.40 20.78
CA ASN B 233 -7.58 36.70 20.25
C ASN B 233 -8.05 36.85 18.83
N THR B 234 -8.64 35.82 18.27
CA THR B 234 -9.08 35.92 16.91
C THR B 234 -10.57 35.91 16.83
N TYR B 235 -11.17 34.98 17.54
CA TYR B 235 -12.61 34.84 17.59
C TYR B 235 -12.90 35.03 19.04
N PRO B 236 -12.80 36.28 19.51
CA PRO B 236 -12.91 36.65 20.90
C PRO B 236 -14.27 36.50 21.55
N SER B 237 -15.35 36.66 20.81
CA SER B 237 -16.64 36.56 21.44
C SER B 237 -17.20 35.16 21.60
N TYR B 238 -16.65 34.22 20.89
CA TYR B 238 -17.23 32.89 20.88
C TYR B 238 -16.54 31.83 21.68
N ILE B 239 -15.29 32.01 21.98
CA ILE B 239 -14.60 31.00 22.72
C ILE B 239 -14.61 31.30 24.19
N SER B 240 -14.59 30.26 25.00
CA SER B 240 -14.62 30.42 26.43
C SER B 240 -13.49 29.65 26.99
N PRO B 241 -12.54 30.32 27.63
CA PRO B 241 -11.36 29.74 28.26
C PRO B 241 -11.53 28.49 29.14
N THR B 242 -12.67 28.26 29.75
CA THR B 242 -12.85 27.06 30.51
C THR B 242 -13.72 26.12 29.71
N GLY B 243 -13.84 26.32 28.41
CA GLY B 243 -14.71 25.46 27.64
C GLY B 243 -14.13 24.88 26.37
N CYS B 244 -14.97 24.22 25.58
CA CYS B 244 -14.55 23.59 24.34
C CYS B 244 -14.50 24.55 23.18
N LEU B 245 -14.13 24.04 22.02
CA LEU B 245 -14.01 24.84 20.83
C LEU B 245 -15.12 24.67 19.82
N PRO B 246 -15.64 25.77 19.33
CA PRO B 246 -16.69 25.61 18.31
C PRO B 246 -16.10 25.02 17.05
N ALA B 247 -16.84 24.09 16.45
CA ALA B 247 -16.22 23.17 15.50
C ALA B 247 -15.78 23.86 14.22
N HIS B 248 -16.60 24.78 13.72
CA HIS B 248 -16.39 25.25 12.36
C HIS B 248 -15.03 25.91 12.20
N LEU B 249 -14.48 26.44 13.28
CA LEU B 249 -13.27 27.24 13.23
C LEU B 249 -12.00 26.41 13.17
N LEU B 250 -12.07 25.10 12.90
CA LEU B 250 -10.84 24.32 12.98
C LEU B 250 -10.10 24.17 11.66
N GLY B 251 -10.40 25.04 10.68
CA GLY B 251 -9.72 25.02 9.42
C GLY B 251 -10.29 24.07 8.40
N ASP B 252 -10.81 22.92 8.83
CA ASP B 252 -11.43 21.98 7.92
C ASP B 252 -12.91 21.90 8.25
N MET B 253 -13.67 21.40 7.29
CA MET B 253 -15.10 21.16 7.42
C MET B 253 -15.41 20.41 8.71
N TRP B 254 -14.51 19.56 9.14
CA TRP B 254 -14.46 18.98 10.47
C TRP B 254 -13.11 19.30 11.04
N GLY B 255 -12.99 19.13 12.33
CA GLY B 255 -11.71 19.40 12.91
C GLY B 255 -10.85 18.16 12.77
N ARG B 256 -10.74 17.61 11.58
CA ARG B 256 -9.82 16.50 11.46
C ARG B 256 -8.38 16.97 11.61
N PHE B 257 -8.06 18.16 11.12
CA PHE B 257 -6.68 18.64 11.17
C PHE B 257 -6.63 20.11 11.52
N TRP B 258 -5.94 20.45 12.60
CA TRP B 258 -5.83 21.86 12.91
C TRP B 258 -4.73 22.52 12.12
N THR B 259 -4.32 21.91 11.02
CA THR B 259 -3.22 22.43 10.23
C THR B 259 -3.44 23.89 9.92
N ASN B 260 -4.64 24.25 9.53
CA ASN B 260 -4.86 25.57 8.99
C ASN B 260 -4.86 26.66 10.04
N LEU B 261 -4.69 26.29 11.30
CA LEU B 261 -4.66 27.23 12.41
C LEU B 261 -3.28 27.79 12.65
N TYR B 262 -2.30 27.39 11.85
CA TYR B 262 -0.93 27.81 12.08
C TYR B 262 -0.79 29.32 12.01
N SER B 263 -1.26 29.93 10.93
CA SER B 263 -1.26 31.38 10.85
C SER B 263 -1.80 32.00 12.13
N LEU B 264 -2.81 31.37 12.73
CA LEU B 264 -3.39 31.90 13.93
C LEU B 264 -2.62 31.54 15.18
N THR B 265 -2.00 30.37 15.21
CA THR B 265 -1.41 29.88 16.45
C THR B 265 0.09 29.75 16.36
N VAL B 266 0.71 30.34 15.36
CA VAL B 266 2.18 30.32 15.29
C VAL B 266 2.74 30.88 16.58
N PRO B 267 3.71 30.24 17.20
CA PRO B 267 4.27 30.76 18.44
C PRO B 267 5.15 32.00 18.23
N PHE B 268 5.98 32.00 17.19
CA PHE B 268 6.81 33.16 16.85
C PHE B 268 6.65 33.47 15.38
N PRO B 269 5.80 34.44 15.02
CA PRO B 269 5.67 34.81 13.60
C PRO B 269 6.90 35.52 13.05
N GLU B 270 7.81 35.96 13.89
CA GLU B 270 8.98 36.68 13.38
C GLU B 270 9.88 35.77 12.57
N LYS B 271 10.09 34.56 13.04
CA LYS B 271 11.02 33.64 12.40
C LYS B 271 10.33 32.76 11.37
N PRO B 272 10.45 33.08 10.08
CA PRO B 272 9.70 32.31 9.08
C PRO B 272 10.08 30.85 9.17
N ASN B 273 9.15 29.99 8.82
CA ASN B 273 9.48 28.58 8.83
C ASN B 273 10.31 28.27 7.61
N ILE B 274 11.24 27.33 7.75
CA ILE B 274 12.30 27.15 6.77
C ILE B 274 11.74 26.47 5.51
N ASP B 275 11.68 27.21 4.42
CA ASP B 275 11.14 26.65 3.19
C ASP B 275 12.26 26.61 2.17
N VAL B 276 12.61 25.40 1.78
CA VAL B 276 13.74 25.13 0.91
C VAL B 276 13.30 25.06 -0.56
N THR B 277 12.11 25.55 -0.88
CA THR B 277 11.67 25.57 -2.26
C THR B 277 12.43 26.59 -3.09
N ASP B 278 12.81 27.72 -2.49
CA ASP B 278 13.57 28.71 -3.24
C ASP B 278 14.98 28.24 -3.49
N ALA B 279 15.53 27.49 -2.55
CA ALA B 279 16.79 26.81 -2.77
C ALA B 279 16.71 25.91 -4.00
N MET B 280 15.71 25.03 -4.06
CA MET B 280 15.56 24.11 -5.21
C MET B 280 15.34 24.87 -6.49
N ILE B 281 14.45 25.86 -6.48
CA ILE B 281 14.12 26.59 -7.68
C ILE B 281 15.36 27.27 -8.24
N ASN B 282 16.09 27.95 -7.37
CA ASN B 282 17.24 28.71 -7.81
C ASN B 282 18.38 27.80 -8.27
N GLN B 283 18.38 26.55 -7.83
CA GLN B 283 19.34 25.55 -8.29
C GLN B 283 18.89 24.82 -9.55
N ASN B 284 17.89 25.36 -10.25
CA ASN B 284 17.38 24.79 -11.49
C ASN B 284 17.24 23.29 -11.40
N TRP B 285 16.72 22.82 -10.27
CA TRP B 285 16.32 21.43 -10.09
C TRP B 285 15.13 21.13 -10.97
N ASN B 286 14.89 19.83 -11.20
CA ASN B 286 13.71 19.33 -11.87
C ASN B 286 13.09 18.20 -11.07
N ALA B 287 11.90 17.79 -11.50
CA ALA B 287 11.24 16.63 -10.92
C ALA B 287 12.17 15.43 -10.81
N VAL B 288 12.82 15.08 -11.93
CA VAL B 288 13.70 13.93 -11.94
C VAL B 288 14.75 14.03 -10.85
N ARG B 289 15.33 15.21 -10.68
CA ARG B 289 16.38 15.36 -9.69
C ARG B 289 15.84 15.01 -8.30
N ILE B 290 14.69 15.59 -7.95
CA ILE B 290 14.00 15.26 -6.71
C ILE B 290 13.98 13.76 -6.51
N PHE B 291 13.36 13.04 -7.44
CA PHE B 291 13.22 11.60 -7.26
C PHE B 291 14.56 10.90 -7.16
N LYS B 292 15.54 11.44 -7.86
CA LYS B 292 16.87 10.86 -7.84
C LYS B 292 17.50 11.02 -6.47
N GLU B 293 17.34 12.19 -5.87
CA GLU B 293 17.86 12.43 -4.53
C GLU B 293 17.23 11.47 -3.55
N ALA B 294 15.92 11.28 -3.69
CA ALA B 294 15.25 10.26 -2.92
C ALA B 294 15.97 8.93 -3.03
N GLU B 295 16.00 8.41 -4.25
CA GLU B 295 16.69 7.16 -4.50
C GLU B 295 17.99 7.07 -3.73
N LYS B 296 18.83 8.11 -3.83
CA LYS B 296 20.07 8.05 -3.06
C LYS B 296 19.76 7.76 -1.61
N PHE B 297 18.81 8.49 -1.04
CA PHE B 297 18.54 8.29 0.37
C PHE B 297 18.36 6.80 0.66
N PHE B 298 17.49 6.16 -0.09
CA PHE B 298 17.25 4.75 0.21
C PHE B 298 18.49 3.93 0.00
N VAL B 299 19.28 4.28 -1.01
CA VAL B 299 20.45 3.49 -1.32
C VAL B 299 21.42 3.56 -0.17
N SER B 300 21.64 4.78 0.33
CA SER B 300 22.58 5.07 1.39
C SER B 300 22.28 4.28 2.64
N VAL B 301 21.00 4.05 2.94
CA VAL B 301 20.78 3.16 4.08
C VAL B 301 20.95 1.67 3.72
N GLY B 302 20.86 1.29 2.45
CA GLY B 302 21.06 -0.12 2.17
C GLY B 302 20.02 -0.68 1.22
N LEU B 303 19.01 0.13 0.92
CA LEU B 303 17.96 -0.35 0.07
C LEU B 303 18.41 -0.40 -1.39
N PRO B 304 17.77 -1.22 -2.21
CA PRO B 304 18.08 -1.19 -3.63
C PRO B 304 17.69 0.14 -4.24
N ASN B 305 18.29 0.43 -5.38
CA ASN B 305 17.85 1.55 -6.19
C ASN B 305 16.78 1.10 -7.16
N MET B 306 16.09 2.07 -7.71
CA MET B 306 14.86 1.76 -8.36
C MET B 306 15.10 1.03 -9.66
N THR B 307 14.11 0.26 -10.06
CA THR B 307 14.23 -0.48 -11.29
C THR B 307 14.40 0.47 -12.47
N GLN B 308 15.08 -0.02 -13.49
CA GLN B 308 15.04 0.63 -14.79
C GLN B 308 13.60 0.87 -15.22
N GLY B 309 12.77 -0.17 -15.10
CA GLY B 309 11.38 -0.05 -15.45
C GLY B 309 10.71 1.11 -14.74
N PHE B 310 11.19 1.43 -13.55
CA PHE B 310 10.58 2.51 -12.79
C PHE B 310 10.82 3.85 -13.48
N TRP B 311 12.07 4.16 -13.79
CA TRP B 311 12.34 5.41 -14.50
C TRP B 311 11.70 5.44 -15.85
N GLU B 312 11.63 4.27 -16.50
CA GLU B 312 11.15 4.24 -17.87
C GLU B 312 9.67 4.51 -17.92
N ASN B 313 8.91 3.79 -17.11
CA ASN B 313 7.48 3.72 -17.27
C ASN B 313 6.73 4.78 -16.49
N SER B 314 7.31 5.26 -15.39
CA SER B 314 6.57 6.00 -14.40
C SER B 314 6.22 7.40 -14.91
N MET B 315 5.12 7.93 -14.42
CA MET B 315 4.78 9.31 -14.70
C MET B 315 5.16 10.16 -13.49
N LEU B 316 6.04 11.13 -13.74
CA LEU B 316 6.67 11.94 -12.73
C LEU B 316 6.39 13.40 -12.97
N THR B 317 5.49 13.73 -13.87
CA THR B 317 5.17 15.13 -14.05
C THR B 317 3.97 15.22 -14.94
N GLU B 318 3.22 16.28 -14.74
CA GLU B 318 1.99 16.44 -15.50
C GLU B 318 2.33 16.40 -16.98
N PRO B 319 1.57 15.66 -17.78
CA PRO B 319 1.82 15.64 -19.21
C PRO B 319 1.62 17.03 -19.79
N THR B 320 2.72 17.57 -20.31
CA THR B 320 2.65 18.76 -21.14
C THR B 320 1.62 18.59 -22.26
N ASP B 321 1.58 17.40 -22.87
CA ASP B 321 0.90 17.19 -24.13
C ASP B 321 -0.61 16.98 -23.99
N GLY B 322 -1.29 17.90 -23.30
CA GLY B 322 -2.73 17.92 -23.27
C GLY B 322 -3.41 16.59 -22.98
N ARG B 323 -2.79 15.77 -22.14
CA ARG B 323 -3.42 14.58 -21.58
C ARG B 323 -3.96 14.94 -20.22
N LYS B 324 -5.27 14.93 -20.07
CA LYS B 324 -5.83 15.34 -18.79
C LYS B 324 -5.78 14.14 -17.87
N VAL B 325 -5.17 14.29 -16.70
CA VAL B 325 -5.16 13.25 -15.70
C VAL B 325 -5.38 13.88 -14.33
N VAL B 326 -6.11 13.17 -13.47
CA VAL B 326 -6.19 13.60 -12.09
C VAL B 326 -4.81 13.45 -11.47
N CYS B 327 -4.45 14.42 -10.65
CA CYS B 327 -3.07 14.52 -10.22
C CYS B 327 -3.05 14.46 -8.70
N HIS B 328 -2.63 13.31 -8.20
CA HIS B 328 -2.49 13.00 -6.80
C HIS B 328 -1.31 12.05 -6.69
N PRO B 329 -0.57 12.10 -5.60
CA PRO B 329 0.57 11.19 -5.46
C PRO B 329 0.14 9.75 -5.18
N THR B 330 0.75 8.80 -5.90
CA THR B 330 0.38 7.39 -5.82
C THR B 330 1.61 6.50 -6.03
N ALA B 331 1.71 5.40 -5.29
CA ALA B 331 2.80 4.44 -5.47
C ALA B 331 2.28 3.04 -5.79
N TRP B 332 2.45 2.61 -7.04
CA TRP B 332 1.81 1.43 -7.60
C TRP B 332 2.75 0.22 -7.59
N ASP B 333 2.21 -0.93 -7.18
CA ASP B 333 2.77 -2.24 -7.46
C ASP B 333 1.86 -2.86 -8.50
N LEU B 334 2.35 -3.01 -9.73
CA LEU B 334 1.61 -3.62 -10.83
C LEU B 334 1.88 -5.13 -10.95
N GLN B 335 2.46 -5.73 -9.93
CA GLN B 335 2.39 -7.14 -9.59
C GLN B 335 3.20 -8.06 -10.49
N LYS B 336 3.84 -7.58 -11.55
CA LYS B 336 4.75 -8.45 -12.28
C LYS B 336 6.20 -8.04 -12.10
N GLY B 337 6.52 -7.35 -11.02
CA GLY B 337 7.79 -6.70 -10.91
C GLY B 337 7.81 -5.34 -11.54
N ASP B 338 6.70 -4.88 -12.08
CA ASP B 338 6.62 -3.54 -12.61
C ASP B 338 6.10 -2.64 -11.51
N PHE B 339 6.96 -1.74 -11.00
CA PHE B 339 6.65 -0.81 -9.92
C PHE B 339 6.72 0.58 -10.47
N ARG B 340 5.82 1.45 -10.05
CA ARG B 340 5.86 2.78 -10.67
C ARG B 340 5.23 3.75 -9.68
N ILE B 341 5.38 5.06 -9.96
CA ILE B 341 4.79 6.12 -9.10
C ILE B 341 4.06 7.08 -10.05
N LYS B 342 2.93 7.63 -9.63
CA LYS B 342 2.13 8.49 -10.55
C LYS B 342 1.84 9.83 -9.89
N MET B 343 2.86 10.52 -9.39
CA MET B 343 2.56 11.88 -8.86
C MET B 343 2.94 12.90 -9.92
N CYS B 344 1.97 13.65 -10.43
CA CYS B 344 2.41 14.67 -11.38
C CYS B 344 3.00 15.78 -10.53
N THR B 345 4.27 15.60 -10.17
CA THR B 345 4.91 16.47 -9.21
C THR B 345 5.20 17.85 -9.83
N LYS B 346 5.34 18.83 -8.93
CA LYS B 346 5.65 20.23 -9.21
C LYS B 346 6.75 20.61 -8.22
N VAL B 347 7.50 21.69 -8.49
CA VAL B 347 8.72 22.00 -7.73
C VAL B 347 8.46 22.87 -6.48
N THR B 348 8.62 22.27 -5.31
CA THR B 348 8.36 22.82 -3.99
C THR B 348 9.09 21.91 -3.02
N MET B 349 9.38 22.44 -1.83
CA MET B 349 9.88 21.52 -0.82
C MET B 349 8.91 20.40 -0.54
N ASP B 350 7.61 20.69 -0.55
CA ASP B 350 6.69 19.65 -0.12
C ASP B 350 6.75 18.46 -1.05
N ASN B 351 6.70 18.70 -2.36
CA ASN B 351 6.77 17.58 -3.28
C ASN B 351 8.02 16.76 -3.01
N PHE B 352 9.13 17.43 -2.87
CA PHE B 352 10.36 16.75 -2.51
C PHE B 352 10.13 15.81 -1.34
N LEU B 353 9.52 16.32 -0.28
CA LEU B 353 9.26 15.48 0.88
C LEU B 353 8.34 14.32 0.56
N THR B 354 7.33 14.58 -0.25
CA THR B 354 6.30 13.61 -0.61
C THR B 354 6.92 12.40 -1.26
N ALA B 355 7.63 12.64 -2.38
CA ALA B 355 8.38 11.62 -3.09
C ALA B 355 9.20 10.71 -2.19
N HIS B 356 9.61 11.17 -1.01
CA HIS B 356 10.34 10.25 -0.17
C HIS B 356 9.41 9.27 0.49
N HIS B 357 8.14 9.64 0.74
CA HIS B 357 7.32 8.55 1.26
C HIS B 357 6.74 7.75 0.11
N GLU B 358 6.32 8.37 -0.99
CA GLU B 358 5.85 7.57 -2.10
C GLU B 358 6.90 6.55 -2.54
N MET B 359 8.14 6.99 -2.68
CA MET B 359 9.19 6.04 -2.90
C MET B 359 9.28 5.06 -1.72
N GLY B 360 9.02 5.52 -0.51
CA GLY B 360 9.04 4.59 0.61
C GLY B 360 8.09 3.43 0.40
N HIS B 361 6.84 3.73 0.05
CA HIS B 361 5.88 2.73 -0.39
C HIS B 361 6.57 1.79 -1.35
N ILE B 362 7.07 2.33 -2.47
CA ILE B 362 7.65 1.47 -3.51
C ILE B 362 8.70 0.54 -2.93
N GLN B 363 9.55 1.05 -2.06
CA GLN B 363 10.57 0.17 -1.52
C GLN B 363 9.93 -0.95 -0.75
N TYR B 364 8.87 -0.65 0.01
CA TYR B 364 8.09 -1.71 0.64
C TYR B 364 7.65 -2.73 -0.41
N ASP B 365 6.85 -2.26 -1.37
CA ASP B 365 6.38 -3.08 -2.47
C ASP B 365 7.47 -4.03 -2.96
N MET B 366 8.64 -3.47 -3.27
CA MET B 366 9.76 -4.26 -3.73
C MET B 366 10.23 -5.26 -2.70
N ALA B 367 10.11 -4.91 -1.43
CA ALA B 367 10.76 -5.74 -0.44
C ALA B 367 10.09 -7.08 -0.29
N TYR B 368 8.76 -7.14 -0.47
CA TYR B 368 8.02 -8.35 -0.20
C TYR B 368 7.56 -9.04 -1.47
N ALA B 369 8.11 -8.68 -2.63
CA ALA B 369 7.71 -9.32 -3.88
C ALA B 369 8.00 -10.80 -3.89
N MET B 370 8.98 -11.26 -3.12
CA MET B 370 9.20 -12.70 -3.06
C MET B 370 8.07 -13.39 -2.31
N GLN B 371 7.33 -12.67 -1.48
CA GLN B 371 6.19 -13.29 -0.83
C GLN B 371 5.10 -13.56 -1.85
N PRO B 372 4.29 -14.58 -1.63
CA PRO B 372 3.17 -14.87 -2.51
C PRO B 372 2.11 -13.80 -2.50
N TYR B 373 1.43 -13.67 -3.64
CA TYR B 373 0.42 -12.64 -3.87
C TYR B 373 -0.47 -12.31 -2.68
N LEU B 374 -1.06 -13.33 -2.08
CA LEU B 374 -1.91 -13.04 -0.93
C LEU B 374 -1.10 -12.38 0.18
N LEU B 375 0.12 -12.85 0.43
CA LEU B 375 0.95 -12.31 1.47
C LEU B 375 1.65 -11.02 1.06
N ARG B 376 1.33 -10.50 -0.10
CA ARG B 376 2.09 -9.41 -0.67
C ARG B 376 1.49 -8.09 -0.22
N ASN B 377 1.69 -7.77 1.06
CA ASN B 377 1.26 -6.50 1.60
C ASN B 377 1.83 -6.30 3.00
N GLY B 378 1.80 -5.05 3.46
CA GLY B 378 2.31 -4.74 4.76
C GLY B 378 1.37 -5.19 5.87
N ALA B 379 1.97 -5.55 7.00
CA ALA B 379 1.34 -6.48 7.92
C ALA B 379 -0.04 -6.06 8.41
N ASN B 380 -0.40 -4.77 8.33
CA ASN B 380 -1.78 -4.34 8.52
C ASN B 380 -1.91 -2.96 7.88
N GLU B 381 -3.09 -2.35 8.02
CA GLU B 381 -3.31 -1.15 7.22
C GLU B 381 -2.43 0.00 7.64
N GLY B 382 -1.84 -0.05 8.83
CA GLY B 382 -1.04 1.07 9.28
C GLY B 382 0.31 1.14 8.62
N PHE B 383 0.94 -0.02 8.42
CA PHE B 383 2.37 -0.09 8.14
C PHE B 383 2.74 0.64 6.86
N HIS B 384 1.88 0.61 5.87
CA HIS B 384 2.37 1.02 4.56
C HIS B 384 2.60 2.52 4.51
N GLU B 385 1.69 3.32 5.08
CA GLU B 385 1.95 4.74 5.19
C GLU B 385 2.61 5.12 6.49
N ALA B 386 2.81 4.12 7.33
CA ALA B 386 3.56 4.31 8.54
C ALA B 386 5.02 4.28 8.16
N VAL B 387 5.36 3.55 7.10
CA VAL B 387 6.71 3.47 6.64
C VAL B 387 6.97 4.51 5.58
N GLY B 388 5.94 5.04 4.96
CA GLY B 388 6.14 6.02 3.92
C GLY B 388 6.01 7.44 4.40
N GLU B 389 5.94 7.58 5.70
CA GLU B 389 5.89 8.85 6.37
C GLU B 389 7.19 9.00 7.11
N ILE B 390 7.73 7.88 7.60
CA ILE B 390 8.99 7.86 8.30
C ILE B 390 10.12 8.37 7.43
N MET B 391 10.12 8.12 6.13
CA MET B 391 11.13 8.65 5.24
C MET B 391 10.93 10.15 5.07
N SER B 392 9.71 10.62 5.17
CA SER B 392 9.46 12.03 5.06
C SER B 392 9.95 12.71 6.31
N LEU B 393 10.03 11.99 7.42
CA LEU B 393 10.60 12.57 8.64
C LEU B 393 12.11 12.69 8.59
N SER B 394 12.83 11.58 8.32
CA SER B 394 14.28 11.72 8.19
C SER B 394 14.61 12.72 7.10
N ALA B 395 13.94 12.61 5.96
CA ALA B 395 14.22 13.49 4.84
C ALA B 395 14.02 14.96 5.16
N SER B 396 13.16 15.29 6.10
CA SER B 396 12.98 16.71 6.38
C SER B 396 13.97 17.27 7.40
N THR B 397 14.75 16.42 8.06
CA THR B 397 15.68 16.87 9.08
C THR B 397 16.54 18.01 8.56
N PRO B 398 16.76 19.07 9.34
CA PRO B 398 17.68 20.09 8.87
C PRO B 398 19.06 19.53 8.66
N LYS B 399 19.50 18.62 9.53
CA LYS B 399 20.75 17.90 9.31
C LYS B 399 20.76 17.32 7.91
N HIS B 400 19.75 16.51 7.62
CA HIS B 400 19.71 15.81 6.35
C HIS B 400 19.83 16.76 5.17
N LEU B 401 18.93 17.75 5.09
CA LEU B 401 18.97 18.58 3.91
C LEU B 401 20.14 19.55 3.90
N LYS B 402 20.73 19.89 5.04
CA LYS B 402 22.05 20.53 4.97
C LYS B 402 23.01 19.61 4.24
N SER B 403 22.95 18.34 4.63
CA SER B 403 23.79 17.29 4.08
C SER B 403 23.72 17.23 2.57
N ILE B 404 22.54 17.39 2.00
CA ILE B 404 22.43 17.31 0.56
C ILE B 404 22.45 18.65 -0.12
N GLY B 405 22.92 19.66 0.60
CA GLY B 405 22.98 21.01 0.06
C GLY B 405 21.65 21.73 0.11
N LEU B 406 20.87 21.43 1.15
CA LEU B 406 19.56 22.05 1.31
C LEU B 406 19.69 23.51 1.73
N LEU B 407 20.77 23.82 2.44
CA LEU B 407 21.02 25.18 2.91
C LEU B 407 22.50 25.41 3.15
N PRO B 408 22.85 26.58 3.71
CA PRO B 408 24.24 26.94 4.01
C PRO B 408 24.78 26.16 5.21
N SER B 409 26.01 25.68 5.10
CA SER B 409 26.64 24.92 6.17
C SER B 409 26.59 25.68 7.49
N ASP B 410 26.18 25.00 8.56
CA ASP B 410 26.10 25.61 9.87
C ASP B 410 24.94 26.59 9.84
N PHE B 411 23.77 26.04 9.54
CA PHE B 411 22.54 26.79 9.45
C PHE B 411 22.14 27.17 10.84
N ARG B 412 22.41 26.29 11.77
CA ARG B 412 22.10 26.49 13.18
C ARG B 412 20.65 26.85 13.47
N GLU B 413 19.77 25.87 13.38
CA GLU B 413 18.38 26.11 13.66
C GLU B 413 18.29 26.52 15.11
N ASP B 414 17.57 27.59 15.38
CA ASP B 414 17.41 28.06 16.75
C ASP B 414 16.21 27.41 17.34
N ASN B 415 16.08 27.49 18.66
CA ASN B 415 14.94 26.88 19.33
C ASN B 415 13.63 27.58 19.04
N GLU B 416 13.67 28.86 18.73
CA GLU B 416 12.47 29.56 18.39
C GLU B 416 11.90 28.89 17.16
N THR B 417 12.69 28.75 16.11
CA THR B 417 12.16 28.09 14.92
C THR B 417 11.84 26.64 15.20
N GLU B 418 12.76 25.92 15.83
CA GLU B 418 12.55 24.52 16.13
C GLU B 418 11.19 24.28 16.78
N ILE B 419 10.88 25.01 17.85
CA ILE B 419 9.54 24.90 18.45
C ILE B 419 8.46 25.33 17.46
N ASN B 420 8.70 26.38 16.69
CA ASN B 420 7.68 26.85 15.77
C ASN B 420 7.26 25.71 14.82
N PHE B 421 8.25 25.01 14.26
CA PHE B 421 7.98 23.87 13.39
C PHE B 421 7.30 22.74 14.16
N LEU B 422 7.90 22.26 15.25
CA LEU B 422 7.22 21.25 16.06
C LEU B 422 5.72 21.53 16.22
N LEU B 423 5.36 22.73 16.64
CA LEU B 423 3.93 23.04 16.77
C LEU B 423 3.21 22.77 15.46
N LYS B 424 3.70 23.33 14.34
CA LYS B 424 3.03 23.02 13.08
C LYS B 424 2.85 21.52 12.91
N GLN B 425 3.86 20.74 13.25
CA GLN B 425 3.71 19.29 13.14
C GLN B 425 2.54 18.84 13.98
N ALA B 426 2.38 19.44 15.15
CA ALA B 426 1.39 18.95 16.09
C ALA B 426 -0.03 19.24 15.65
N LEU B 427 -0.28 20.40 15.05
CA LEU B 427 -1.64 20.66 14.57
C LEU B 427 -2.21 19.50 13.77
N THR B 428 -1.43 19.00 12.81
CA THR B 428 -1.90 17.94 11.93
C THR B 428 -1.73 16.59 12.58
N ILE B 429 -0.63 16.39 13.28
CA ILE B 429 -0.30 15.07 13.79
C ILE B 429 -1.08 14.78 15.06
N VAL B 430 -0.95 15.63 16.09
CA VAL B 430 -1.69 15.35 17.33
C VAL B 430 -3.11 15.87 17.22
N GLY B 431 -3.32 16.93 16.47
CA GLY B 431 -4.67 17.36 16.19
C GLY B 431 -5.68 16.23 16.00
N THR B 432 -5.38 15.31 15.09
CA THR B 432 -6.30 14.31 14.60
C THR B 432 -6.39 13.06 15.47
N LEU B 433 -5.40 12.75 16.28
CA LEU B 433 -5.53 11.54 17.11
C LEU B 433 -6.83 11.45 17.90
N PRO B 434 -7.31 12.51 18.58
CA PRO B 434 -8.59 12.40 19.29
C PRO B 434 -9.77 12.33 18.36
N PHE B 435 -9.86 13.30 17.46
CA PHE B 435 -10.81 13.25 16.36
C PHE B 435 -11.06 11.82 15.94
N THR B 436 -9.99 11.16 15.50
CA THR B 436 -10.07 9.80 14.95
C THR B 436 -10.54 8.79 15.99
N TYR B 437 -9.91 8.76 17.16
CA TYR B 437 -10.33 7.77 18.16
C TYR B 437 -11.76 7.93 18.57
N MET B 438 -12.23 9.15 18.70
CA MET B 438 -13.62 9.37 19.07
C MET B 438 -14.55 8.89 17.99
N LEU B 439 -14.25 9.22 16.72
CA LEU B 439 -15.10 8.74 15.62
C LEU B 439 -15.20 7.22 15.61
N GLU B 440 -14.08 6.52 15.48
CA GLU B 440 -14.21 5.08 15.45
C GLU B 440 -14.79 4.52 16.74
N LYS B 441 -14.78 5.28 17.85
CA LYS B 441 -15.44 4.80 19.05
C LYS B 441 -16.95 4.92 18.92
N TRP B 442 -17.42 6.01 18.33
CA TRP B 442 -18.84 6.13 18.04
C TRP B 442 -19.31 5.01 17.13
N ARG B 443 -18.70 4.87 15.95
CA ARG B 443 -19.12 3.81 15.03
C ARG B 443 -19.08 2.44 15.71
N TRP B 444 -17.97 2.09 16.36
CA TRP B 444 -17.93 0.80 17.03
C TRP B 444 -19.08 0.60 17.99
N MET B 445 -19.43 1.63 18.74
CA MET B 445 -20.51 1.46 19.70
C MET B 445 -21.86 1.33 19.01
N VAL B 446 -22.14 2.21 18.04
CA VAL B 446 -23.34 2.07 17.21
C VAL B 446 -23.49 0.62 16.76
N PHE B 447 -22.49 0.11 16.06
CA PHE B 447 -22.58 -1.24 15.50
C PHE B 447 -22.82 -2.30 16.55
N LYS B 448 -22.35 -2.11 17.78
CA LYS B 448 -22.64 -3.11 18.80
C LYS B 448 -23.99 -2.88 19.45
N GLY B 449 -24.75 -1.91 18.95
CA GLY B 449 -26.06 -1.61 19.49
C GLY B 449 -26.03 -0.73 20.71
N GLU B 450 -24.86 -0.21 21.09
CA GLU B 450 -24.71 0.61 22.27
C GLU B 450 -25.32 1.99 22.11
N ILE B 451 -25.87 2.37 20.97
CA ILE B 451 -26.51 3.66 20.81
C ILE B 451 -27.81 3.58 20.04
N PRO B 452 -28.94 3.98 20.62
CA PRO B 452 -30.19 4.08 19.88
C PRO B 452 -30.22 5.25 18.90
N LYS B 453 -31.07 5.09 17.88
CA LYS B 453 -31.15 6.04 16.78
C LYS B 453 -31.51 7.43 17.23
N ASP B 454 -32.33 7.54 18.27
CA ASP B 454 -32.76 8.83 18.78
C ASP B 454 -31.69 9.46 19.65
N GLN B 455 -30.74 8.67 20.08
CA GLN B 455 -29.65 9.16 20.88
C GLN B 455 -28.39 9.30 20.07
N TRP B 456 -28.47 8.98 18.79
CA TRP B 456 -27.34 9.04 17.90
C TRP B 456 -26.63 10.37 18.06
N MET B 457 -27.22 11.44 17.56
CA MET B 457 -26.56 12.73 17.61
C MET B 457 -26.22 13.14 19.03
N LYS B 458 -27.14 12.94 19.96
CA LYS B 458 -26.89 13.29 21.34
C LYS B 458 -25.66 12.57 21.88
N LYS B 459 -25.50 11.30 21.55
CA LYS B 459 -24.35 10.56 22.06
C LYS B 459 -23.06 10.91 21.31
N TRP B 460 -23.17 11.18 20.01
CA TRP B 460 -22.01 11.58 19.23
C TRP B 460 -21.39 12.84 19.80
N TRP B 461 -22.16 13.93 19.85
CA TRP B 461 -21.63 15.19 20.35
C TRP B 461 -21.25 15.13 21.82
N GLU B 462 -22.03 14.43 22.65
CA GLU B 462 -21.59 14.24 24.03
C GLU B 462 -20.17 13.68 24.07
N MET B 463 -19.87 12.75 23.17
CA MET B 463 -18.51 12.21 23.07
C MET B 463 -17.52 13.24 22.55
N LYS B 464 -17.95 14.10 21.63
CA LYS B 464 -17.05 15.11 21.07
C LYS B 464 -16.57 16.06 22.16
N ARG B 465 -17.49 16.63 22.92
CA ARG B 465 -17.07 17.49 24.02
C ARG B 465 -16.20 16.73 25.00
N GLU B 466 -16.65 15.54 25.42
CA GLU B 466 -15.92 14.87 26.48
C GLU B 466 -14.47 14.56 26.07
N ILE B 467 -14.28 13.95 24.90
CA ILE B 467 -12.97 13.42 24.46
C ILE B 467 -12.22 14.39 23.58
N VAL B 468 -12.86 14.91 22.55
CA VAL B 468 -12.17 15.82 21.65
C VAL B 468 -12.17 17.25 22.15
N GLY B 469 -12.94 17.56 23.19
CA GLY B 469 -13.04 18.94 23.60
C GLY B 469 -13.44 19.79 22.42
N VAL B 470 -14.44 19.35 21.66
CA VAL B 470 -15.05 20.20 20.66
C VAL B 470 -16.56 20.17 20.82
N MET B 471 -17.17 21.31 20.52
CA MET B 471 -18.58 21.58 20.64
C MET B 471 -19.07 22.16 19.32
N GLU B 472 -20.40 22.08 19.10
CA GLU B 472 -21.16 22.44 17.90
C GLU B 472 -21.92 23.72 18.09
N PRO B 473 -21.91 24.59 17.09
CA PRO B 473 -22.67 25.84 17.21
C PRO B 473 -24.13 25.66 17.59
N VAL B 474 -24.91 24.96 16.79
CA VAL B 474 -26.33 24.82 17.09
C VAL B 474 -26.54 23.39 17.59
N PRO B 475 -27.50 23.13 18.47
CA PRO B 475 -27.72 21.74 18.88
C PRO B 475 -28.24 20.99 17.68
N HIS B 476 -27.95 19.71 17.65
CA HIS B 476 -28.42 18.90 16.55
C HIS B 476 -29.21 17.75 17.13
N ASP B 477 -30.42 17.57 16.63
CA ASP B 477 -31.31 16.51 17.03
C ASP B 477 -31.11 15.33 16.08
N GLU B 478 -32.04 14.40 16.05
CA GLU B 478 -31.84 13.20 15.27
C GLU B 478 -32.25 13.40 13.82
N THR B 479 -32.76 14.57 13.45
CA THR B 479 -32.89 14.87 12.03
C THR B 479 -31.49 15.08 11.44
N TYR B 480 -30.64 15.76 12.18
CA TYR B 480 -29.29 16.00 11.71
C TYR B 480 -28.49 14.71 11.77
N CYS B 481 -27.84 14.38 10.67
CA CYS B 481 -26.80 13.38 10.70
C CYS B 481 -25.51 14.08 10.35
N ASP B 482 -24.59 14.13 11.31
CA ASP B 482 -23.32 14.81 11.15
C ASP B 482 -22.19 13.83 10.84
N PRO B 483 -22.02 12.73 11.57
CA PRO B 483 -20.88 11.84 11.27
C PRO B 483 -20.85 11.34 9.84
N ALA B 484 -21.98 11.24 9.19
CA ALA B 484 -21.97 10.83 7.80
C ALA B 484 -21.36 11.88 6.90
N ALA B 485 -21.30 13.14 7.35
CA ALA B 485 -20.74 14.16 6.49
C ALA B 485 -19.25 13.96 6.23
N LEU B 486 -18.58 13.10 6.97
CA LEU B 486 -17.17 12.79 6.70
C LEU B 486 -17.08 11.75 5.60
N TYR B 487 -16.20 11.99 4.63
CA TYR B 487 -16.06 11.09 3.49
C TYR B 487 -16.04 9.63 3.94
N HIS B 488 -15.07 9.29 4.78
CA HIS B 488 -14.80 7.90 5.10
C HIS B 488 -15.98 7.24 5.78
N VAL B 489 -16.76 8.02 6.52
CA VAL B 489 -17.96 7.48 7.14
C VAL B 489 -19.00 7.16 6.08
N SER B 490 -19.32 8.14 5.25
CA SER B 490 -20.35 7.97 4.25
C SER B 490 -19.85 7.27 3.01
N ASN B 491 -18.57 6.93 2.93
CA ASN B 491 -18.09 6.09 1.84
C ASN B 491 -17.57 4.78 2.38
N ASP B 492 -18.16 4.30 3.46
CA ASP B 492 -17.90 2.97 4.01
C ASP B 492 -16.41 2.66 4.07
N PHE B 493 -15.63 3.54 4.65
CA PHE B 493 -14.21 3.32 4.82
C PHE B 493 -13.84 3.18 6.30
N SER B 494 -13.07 2.16 6.60
CA SER B 494 -12.46 2.04 7.93
C SER B 494 -11.66 3.29 8.22
N PHE B 495 -11.58 3.67 9.50
CA PHE B 495 -11.01 4.97 9.85
C PHE B 495 -9.94 4.93 10.93
N ILE B 496 -9.88 3.87 11.73
CA ILE B 496 -8.91 3.86 12.82
C ILE B 496 -7.49 3.68 12.34
N ARG B 497 -7.28 3.42 11.07
CA ARG B 497 -5.93 3.29 10.55
C ARG B 497 -5.11 4.49 10.95
N TYR B 498 -5.71 5.66 10.84
CA TYR B 498 -5.04 6.93 11.01
C TYR B 498 -4.40 7.02 12.38
N TYR B 499 -5.11 6.55 13.39
CA TYR B 499 -4.55 6.49 14.72
C TYR B 499 -3.36 5.53 14.76
N THR B 500 -3.59 4.24 14.51
CA THR B 500 -2.55 3.23 14.65
C THR B 500 -1.33 3.54 13.81
N ARG B 501 -1.55 3.93 12.56
CA ARG B 501 -0.46 4.41 11.72
C ARG B 501 0.34 5.50 12.41
N THR B 502 -0.36 6.46 13.04
CA THR B 502 0.39 7.51 13.70
C THR B 502 1.15 7.01 14.91
N ILE B 503 0.67 6.01 15.64
CA ILE B 503 1.53 5.53 16.72
C ILE B 503 2.66 4.66 16.18
N TYR B 504 2.45 4.02 15.03
CA TYR B 504 3.49 3.19 14.43
C TYR B 504 4.71 4.02 14.04
N GLN B 505 4.51 5.07 13.22
CA GLN B 505 5.66 5.78 12.65
C GLN B 505 6.76 5.95 13.68
N PHE B 506 6.42 6.53 14.84
CA PHE B 506 7.44 6.95 15.78
C PHE B 506 8.10 5.79 16.51
N GLN B 507 7.39 4.72 16.77
CA GLN B 507 8.12 3.55 17.26
C GLN B 507 9.16 3.14 16.27
N PHE B 508 8.80 3.12 14.97
CA PHE B 508 9.77 2.90 13.93
C PHE B 508 10.92 3.89 14.00
N GLN B 509 10.68 5.15 13.64
CA GLN B 509 11.74 6.16 13.60
C GLN B 509 12.59 6.13 14.84
N GLU B 510 12.01 5.82 15.99
CA GLU B 510 12.80 5.76 17.21
C GLU B 510 13.69 4.55 17.25
N ALA B 511 13.25 3.41 16.71
CA ALA B 511 14.13 2.25 16.70
C ALA B 511 15.22 2.38 15.65
N LEU B 512 14.89 3.00 14.52
CA LEU B 512 15.88 3.22 13.46
C LEU B 512 16.91 4.25 13.88
N CYS B 513 16.47 5.31 14.56
CA CYS B 513 17.41 6.31 15.05
C CYS B 513 18.23 5.74 16.17
N GLN B 514 17.60 5.04 17.09
CA GLN B 514 18.38 4.36 18.13
C GLN B 514 19.38 3.38 17.54
N ALA B 515 19.10 2.85 16.35
CA ALA B 515 20.03 1.92 15.70
C ALA B 515 21.13 2.63 14.93
N ALA B 516 20.85 3.80 14.37
CA ALA B 516 21.85 4.68 13.75
C ALA B 516 22.55 5.58 14.76
N LYS B 517 22.56 5.18 16.03
CA LYS B 517 23.26 5.86 17.11
C LYS B 517 23.11 7.38 17.06
N HIS B 518 21.98 7.85 16.55
CA HIS B 518 21.64 9.26 16.62
C HIS B 518 21.48 9.65 18.09
N GLU B 519 21.94 10.86 18.42
CA GLU B 519 21.87 11.34 19.79
C GLU B 519 21.24 12.74 19.82
N GLY B 520 20.61 13.04 20.95
CA GLY B 520 19.89 14.28 21.09
C GLY B 520 18.43 14.09 20.76
N PRO B 521 17.80 15.17 20.32
CA PRO B 521 16.35 15.13 20.13
C PRO B 521 15.97 14.21 18.99
N LEU B 522 14.90 13.46 19.22
CA LEU B 522 14.39 12.54 18.23
C LEU B 522 13.91 13.21 16.97
N HIS B 523 13.60 14.50 16.99
CA HIS B 523 12.99 15.01 15.80
C HIS B 523 14.04 15.49 14.83
N LYS B 524 15.30 15.52 15.24
CA LYS B 524 16.37 15.87 14.33
C LYS B 524 17.09 14.64 13.83
N CYS B 525 16.69 13.46 14.24
CA CYS B 525 17.34 12.29 13.71
C CYS B 525 17.23 12.30 12.21
N ASP B 526 18.26 11.81 11.56
CA ASP B 526 18.20 11.50 10.16
C ASP B 526 18.99 10.23 10.01
N ILE B 527 18.37 9.23 9.38
CA ILE B 527 18.93 7.89 9.34
C ILE B 527 19.87 7.67 8.18
N SER B 528 20.05 8.68 7.30
CA SER B 528 20.74 8.52 6.02
C SER B 528 22.06 7.83 6.25
N ASN B 529 22.66 7.25 5.23
CA ASN B 529 24.02 6.77 5.38
C ASN B 529 24.16 5.67 6.43
N SER B 530 23.07 5.17 7.01
CA SER B 530 23.19 4.12 8.02
C SER B 530 22.65 2.80 7.48
N THR B 531 23.53 1.85 7.28
CA THR B 531 23.14 0.55 6.80
C THR B 531 22.55 -0.23 7.93
N GLU B 532 22.94 0.09 9.15
CA GLU B 532 22.46 -0.62 10.30
C GLU B 532 20.96 -0.57 10.41
N ALA B 533 20.40 0.60 10.20
CA ALA B 533 18.97 0.77 10.27
C ALA B 533 18.35 0.16 9.06
N GLY B 534 18.98 0.33 7.93
CA GLY B 534 18.43 -0.19 6.70
C GLY B 534 18.17 -1.67 6.78
N GLN B 535 19.20 -2.43 7.09
CA GLN B 535 19.07 -3.88 7.18
C GLN B 535 18.01 -4.29 8.15
N LYS B 536 17.94 -3.66 9.31
CA LYS B 536 16.91 -3.98 10.26
C LYS B 536 15.55 -3.45 9.85
N LEU B 537 15.49 -2.45 8.99
CA LEU B 537 14.23 -1.96 8.53
C LEU B 537 13.75 -2.95 7.53
N LEU B 538 14.64 -3.43 6.69
CA LEU B 538 14.28 -4.37 5.66
C LEU B 538 13.66 -5.59 6.27
N ASN B 539 14.44 -6.26 7.12
CA ASN B 539 14.09 -7.48 7.83
C ASN B 539 12.65 -7.59 8.17
N MET B 540 12.03 -6.45 8.45
CA MET B 540 10.58 -6.49 8.53
C MET B 540 9.92 -6.14 7.19
N LEU B 541 10.55 -5.29 6.37
CA LEU B 541 9.96 -4.95 5.09
C LEU B 541 9.71 -6.17 4.22
N ARG B 542 10.48 -7.23 4.42
CA ARG B 542 10.41 -8.37 3.51
C ARG B 542 9.20 -9.25 3.81
N LEU B 543 8.89 -9.42 5.10
CA LEU B 543 7.81 -10.30 5.53
C LEU B 543 6.50 -10.01 4.82
N GLY B 544 6.23 -8.75 4.53
CA GLY B 544 4.89 -8.43 4.06
C GLY B 544 3.88 -8.94 5.06
N LYS B 545 2.74 -9.39 4.57
CA LYS B 545 1.69 -9.83 5.45
C LYS B 545 1.94 -11.23 6.00
N SER B 546 3.14 -11.77 5.82
CA SER B 546 3.43 -13.19 6.00
C SER B 546 3.55 -13.63 7.44
N LYS B 547 3.79 -12.72 8.37
CA LYS B 547 3.86 -13.07 9.78
C LYS B 547 2.96 -12.11 10.53
N PRO B 548 2.51 -12.46 11.73
CA PRO B 548 1.55 -11.61 12.43
C PRO B 548 2.19 -10.27 12.76
N TRP B 549 1.56 -9.17 12.32
CA TRP B 549 2.21 -7.87 12.42
C TRP B 549 2.85 -7.63 13.78
N THR B 550 2.38 -8.33 14.80
CA THR B 550 3.03 -8.24 16.09
C THR B 550 4.50 -8.70 16.00
N LEU B 551 4.77 -9.82 15.33
CA LEU B 551 6.17 -10.23 15.14
C LEU B 551 6.91 -9.27 14.22
N ALA B 552 6.26 -8.88 13.13
CA ALA B 552 6.80 -7.83 12.29
C ALA B 552 7.37 -6.70 13.12
N LEU B 553 6.52 -6.09 13.95
CA LEU B 553 6.95 -4.94 14.76
C LEU B 553 8.09 -5.31 15.70
N GLU B 554 7.86 -6.31 16.56
CA GLU B 554 8.88 -6.68 17.54
C GLU B 554 10.25 -6.85 16.95
N ASN B 555 10.36 -7.35 15.73
CA ASN B 555 11.69 -7.33 15.13
C ASN B 555 12.23 -5.91 15.02
N VAL B 556 11.42 -4.96 14.57
CA VAL B 556 11.97 -3.63 14.32
C VAL B 556 12.29 -2.93 15.63
N VAL B 557 11.31 -2.87 16.55
CA VAL B 557 11.36 -1.95 17.67
C VAL B 557 11.42 -2.69 19.01
N GLY B 558 11.64 -3.99 19.03
CA GLY B 558 11.75 -4.71 20.28
C GLY B 558 10.51 -4.79 21.15
N ALA B 559 9.33 -4.42 20.64
CA ALA B 559 8.09 -4.47 21.41
C ALA B 559 6.94 -5.07 20.60
N ARG B 560 6.15 -5.96 21.21
CA ARG B 560 5.15 -6.70 20.45
C ARG B 560 3.85 -5.93 20.22
N ASN B 561 3.75 -4.68 20.69
CA ASN B 561 2.47 -3.98 20.80
C ASN B 561 2.71 -2.50 20.75
N MET B 562 1.68 -1.72 20.36
CA MET B 562 1.84 -0.27 20.28
C MET B 562 2.30 0.31 21.61
N ASP B 563 3.20 1.28 21.52
CA ASP B 563 3.62 2.07 22.65
C ASP B 563 3.68 3.50 22.15
N VAL B 564 3.26 4.43 23.00
CA VAL B 564 3.17 5.81 22.56
C VAL B 564 4.39 6.60 22.99
N ARG B 565 5.23 6.03 23.87
CA ARG B 565 6.45 6.70 24.30
C ARG B 565 7.16 7.40 23.16
N PRO B 566 7.54 6.75 22.06
CA PRO B 566 8.16 7.49 20.96
C PRO B 566 7.35 8.68 20.48
N LEU B 567 6.03 8.60 20.46
CA LEU B 567 5.33 9.82 20.08
C LEU B 567 5.61 10.91 21.08
N LEU B 568 5.30 10.65 22.35
CA LEU B 568 5.54 11.63 23.40
C LEU B 568 6.95 12.17 23.35
N ASN B 569 7.93 11.28 23.17
CA ASN B 569 9.33 11.63 23.12
C ASN B 569 9.65 12.51 21.92
N TYR B 570 9.09 12.19 20.76
CA TYR B 570 9.34 13.03 19.60
C TYR B 570 8.89 14.45 19.87
N PHE B 571 7.74 14.58 20.50
CA PHE B 571 7.09 15.86 20.77
C PHE B 571 7.41 16.43 22.16
N GLU B 572 8.14 15.69 22.99
CA GLU B 572 8.52 16.15 24.33
C GLU B 572 8.99 17.60 24.37
N PRO B 573 9.86 18.06 23.48
CA PRO B 573 10.23 19.48 23.51
C PRO B 573 9.08 20.45 23.39
N LEU B 574 8.15 20.20 22.48
CA LEU B 574 7.03 21.11 22.39
C LEU B 574 6.17 20.99 23.62
N PHE B 575 6.15 19.80 24.21
CA PHE B 575 5.37 19.55 25.41
C PHE B 575 5.77 20.54 26.48
N GLY B 576 7.02 20.46 26.94
CA GLY B 576 7.45 21.34 28.03
C GLY B 576 7.13 22.81 27.79
N TRP B 577 7.33 23.27 26.57
CA TRP B 577 7.00 24.65 26.20
C TRP B 577 5.53 24.92 26.39
N LEU B 578 4.70 23.96 26.04
CA LEU B 578 3.28 24.12 26.17
C LEU B 578 2.86 24.19 27.63
N LYS B 579 3.42 23.34 28.48
CA LYS B 579 3.12 23.48 29.89
C LYS B 579 3.49 24.86 30.39
N ASP B 580 4.68 25.34 30.06
CA ASP B 580 5.00 26.72 30.40
C ASP B 580 3.95 27.67 29.88
N GLN B 581 3.77 27.78 28.58
CA GLN B 581 2.77 28.71 28.04
C GLN B 581 1.41 28.56 28.71
N ASN B 582 1.07 27.38 29.21
CA ASN B 582 -0.19 27.16 29.91
C ASN B 582 -0.03 27.17 31.42
N ARG B 583 1.09 27.68 31.92
CA ARG B 583 1.34 27.65 33.36
C ARG B 583 0.28 28.46 34.08
N ASN B 584 -0.13 29.59 33.50
CA ASN B 584 -0.99 30.56 34.16
C ASN B 584 -2.42 30.51 33.65
N SER B 585 -2.85 29.38 33.12
CA SER B 585 -4.18 29.32 32.53
C SER B 585 -4.75 27.92 32.72
N PHE B 586 -5.97 27.74 32.26
CA PHE B 586 -6.70 26.52 32.51
C PHE B 586 -6.48 25.53 31.37
N VAL B 587 -6.21 24.29 31.74
CA VAL B 587 -6.12 23.18 30.79
C VAL B 587 -7.26 22.22 31.05
N GLY B 588 -8.03 21.93 30.01
CA GLY B 588 -9.21 21.10 30.14
C GLY B 588 -10.40 21.72 29.46
N TRP B 589 -11.40 20.88 29.26
CA TRP B 589 -12.68 21.25 28.73
C TRP B 589 -13.68 21.10 29.86
N ASN B 590 -14.70 21.95 29.85
CA ASN B 590 -15.93 21.66 30.57
C ASN B 590 -17.02 21.41 29.55
N THR B 591 -17.58 20.20 29.58
CA THR B 591 -18.77 19.90 28.82
C THR B 591 -19.87 20.89 29.23
N ASP B 598 -21.42 22.31 27.11
CA ASP B 598 -22.24 23.11 28.01
C ASP B 598 -21.40 23.86 29.03
C1 NAG C . 22.17 0.72 -8.24
C2 NAG C . 22.16 0.33 -9.67
C3 NAG C . 22.84 -1.02 -9.77
C4 NAG C . 24.29 -0.83 -9.33
C5 NAG C . 24.44 -0.14 -7.97
C6 NAG C . 25.81 0.46 -7.79
C7 NAG C . 20.48 -0.05 -11.47
C8 NAG C . 19.05 0.15 -11.84
N2 NAG C . 20.82 0.35 -10.24
O3 NAG C . 22.77 -1.57 -11.10
O4 NAG C . 24.99 -2.08 -9.29
O5 NAG C . 23.50 0.96 -7.81
O6 NAG C . 26.79 -0.53 -7.52
O7 NAG C . 21.28 -0.59 -12.23
C1 NAG C . 25.93 -2.08 -10.35
C2 NAG C . 25.51 -3.24 -11.21
C3 NAG C . 26.49 -3.43 -12.35
C4 NAG C . 26.56 -2.14 -13.17
C5 NAG C . 26.88 -0.94 -12.28
C6 NAG C . 26.74 0.37 -13.00
C7 NAG C . 24.74 -5.56 -10.87
C8 NAG C . 24.67 -6.70 -9.89
N2 NAG C . 25.36 -4.46 -10.42
O3 NAG C . 26.08 -4.51 -13.19
O4 NAG C . 27.54 -2.26 -14.18
O5 NAG C . 26.00 -0.87 -11.14
O6 NAG C . 27.96 1.09 -13.06
O7 NAG C . 24.29 -5.64 -12.00
C1 NAG D . 27.01 10.35 3.61
C2 NAG D . 26.89 11.85 3.77
C3 NAG D . 27.36 12.54 2.48
C4 NAG D . 28.78 12.09 2.13
C5 NAG D . 28.90 10.56 2.16
C6 NAG D . 30.33 10.06 2.06
C7 NAG D . 25.07 12.24 5.35
C8 NAG D . 23.67 12.68 5.54
N2 NAG D . 25.53 12.25 4.10
O3 NAG D . 27.32 13.95 2.63
O4 NAG D . 29.13 12.55 0.83
O5 NAG D . 28.37 10.02 3.38
O6 NAG D . 31.28 11.11 2.16
O7 NAG D . 25.77 11.88 6.29
C1 NAG D . 30.04 13.68 0.86
C2 NAG D . 30.17 14.25 -0.55
C3 NAG D . 31.09 15.46 -0.57
C4 NAG D . 30.95 16.38 0.64
C5 NAG D . 30.48 15.70 1.93
C6 NAG D . 29.80 16.68 2.86
C7 NAG D . 29.85 12.36 -2.12
C8 NAG D . 30.53 11.40 -3.04
N2 NAG D . 30.64 13.22 -1.48
O3 NAG D . 30.78 16.21 -1.75
O4 NAG D . 32.23 16.89 0.99
O5 NAG D . 29.54 14.66 1.69
O6 NAG D . 28.77 17.38 2.18
O7 NAG D . 28.64 12.36 -1.95
C1 BMA D . 32.90 17.69 -0.02
C2 BMA D . 33.66 18.74 0.78
C3 BMA D . 34.59 19.52 -0.11
C4 BMA D . 35.45 18.58 -1.01
C5 BMA D . 34.56 17.56 -1.76
C6 BMA D . 35.36 16.50 -2.54
O2 BMA D . 34.47 18.10 1.77
O3 BMA D . 35.41 20.38 0.67
O4 BMA D . 36.20 19.37 -1.95
O5 BMA D . 33.77 16.87 -0.79
O6 BMA D . 34.47 15.66 -3.30
C1 NAG E . -4.83 8.02 -24.82
C2 NAG E . -3.70 7.58 -25.74
C3 NAG E . -4.17 7.49 -27.19
C4 NAG E . -5.46 6.70 -27.27
C5 NAG E . -6.50 7.35 -26.37
C6 NAG E . -7.83 6.65 -26.40
C7 NAG E . -1.47 8.18 -24.92
C8 NAG E . -0.32 7.58 -25.68
N2 NAG E . -2.56 8.47 -25.63
O3 NAG E . -3.14 6.91 -27.98
O4 NAG E . -5.95 6.70 -28.61
O5 NAG E . -6.03 7.28 -25.02
O6 NAG E . -7.98 5.75 -25.31
O7 NAG E . -1.42 8.38 -23.71
C1 NAG E . -5.76 5.52 -29.33
C2 NAG E . -6.94 5.29 -30.27
C3 NAG E . -6.69 4.06 -31.12
C4 NAG E . -5.33 4.13 -31.80
C5 NAG E . -4.25 4.37 -30.76
C6 NAG E . -2.87 4.54 -31.37
C7 NAG E . -9.12 6.13 -29.58
C8 NAG E . -10.53 5.67 -29.35
N2 NAG E . -8.19 5.17 -29.56
O3 NAG E . -7.74 3.93 -32.07
O4 NAG E . -5.05 2.90 -32.46
O5 NAG E . -4.53 5.59 -30.05
O6 NAG E . -2.91 5.42 -32.49
O7 NAG E . -8.84 7.30 -29.76
C1 NAG F . 21.91 -13.07 -35.90
C2 NAG F . 23.30 -13.65 -35.90
C3 NAG F . 24.29 -12.59 -35.38
C4 NAG F . 24.23 -11.38 -36.31
C5 NAG F . 22.80 -10.87 -36.52
C6 NAG F . 22.71 -9.94 -37.70
C7 NAG F . 24.36 -15.43 -34.43
C8 NAG F . 24.11 -16.78 -33.84
N2 NAG F . 23.36 -14.91 -35.15
O3 NAG F . 25.61 -13.10 -35.34
O4 NAG F . 25.05 -10.34 -35.79
O5 NAG F . 21.86 -11.94 -36.79
O6 NAG F . 22.65 -10.66 -38.93
O7 NAG F . 25.42 -14.83 -34.23
#